data_4M8Z
#
_entry.id   4M8Z
#
_cell.length_a   52.521
_cell.length_b   114.716
_cell.length_c   144.694
_cell.angle_alpha   90.00
_cell.angle_beta   90.00
_cell.angle_gamma   90.00
#
_symmetry.space_group_name_H-M   'P 21 21 21'
#
loop_
_entity.id
_entity.type
_entity.pdbx_description
1 polymer 'Phosphatidylinositol transfer protein PDR16'
2 water water
#
_entity_poly.entity_id   1
_entity_poly.type   'polypeptide(L)'
_entity_poly.pdbx_seq_one_letter_code
;(MSE)FKRFSKKKEAPEDPKNLINIDKPIKELPASIAIPKEKPLTGEQQK(MSE)YDEVLKHFSNPDLKVYTSEKNKSED
DLKPLEEEEKAWLTRECFLRYLRATKWVLKDCIDRIT(MSE)TLAWRREFGISHLGEEHGDKITADLVAVENESGKQVIL
GYENDARPILYLKPGRQNTKTSHRQVQHLVF(MSE)LERVIDF(MSE)PAGQDSLALLIDFKDYPDVPKVPGNSKIPPIG
VGKEVLHILQTHYPERLGKALLTNIPWLAWTFLKLIHPFIDPLTREKLVFDEPFVKYVPKNELDSLYGGDLKFKYNHDVY
WPALVETAREKRDHYFKRFQSFGGIVGLSEVDLRGTHEKLLYPVKSESSTV
;
_entity_poly.pdbx_strand_id   A,B
#
# COMPACT_ATOMS: atom_id res chain seq x y z
N ASN A 17 -7.99 36.89 -5.88
CA ASN A 17 -7.49 35.84 -6.75
C ASN A 17 -8.49 34.68 -6.96
N LEU A 18 -9.44 34.56 -6.04
CA LEU A 18 -10.44 33.48 -6.10
C LEU A 18 -11.44 33.64 -7.25
N ILE A 19 -11.78 32.52 -7.86
CA ILE A 19 -12.70 32.50 -8.99
C ILE A 19 -13.88 31.64 -8.59
N ASN A 20 -15.07 32.23 -8.55
CA ASN A 20 -16.26 31.48 -8.18
C ASN A 20 -16.69 30.61 -9.34
N ILE A 21 -16.91 29.33 -9.09
CA ILE A 21 -17.26 28.42 -10.17
C ILE A 21 -18.20 27.35 -9.63
N ASP A 22 -19.18 26.93 -10.43
CA ASP A 22 -20.11 25.91 -9.96
C ASP A 22 -20.45 24.84 -11.00
N LYS A 23 -19.70 24.81 -12.09
CA LYS A 23 -19.97 23.90 -13.20
C LYS A 23 -18.64 23.39 -13.73
N PRO A 24 -18.65 22.23 -14.40
CA PRO A 24 -17.39 21.74 -14.98
C PRO A 24 -16.84 22.70 -16.01
N ILE A 25 -15.52 22.66 -16.18
CA ILE A 25 -14.86 23.47 -17.18
C ILE A 25 -14.85 22.67 -18.48
N LYS A 26 -15.46 23.23 -19.53
CA LYS A 26 -15.83 22.42 -20.68
C LYS A 26 -14.65 22.08 -21.57
N GLU A 27 -13.69 22.98 -21.66
CA GLU A 27 -12.56 22.72 -22.53
C GLU A 27 -11.22 22.88 -21.83
N LEU A 28 -10.22 22.16 -22.34
CA LEU A 28 -8.84 22.38 -21.95
C LEU A 28 -8.43 23.76 -22.42
N PRO A 29 -7.95 24.60 -21.50
CA PRO A 29 -7.51 25.94 -21.93
C PRO A 29 -6.25 25.86 -22.79
N ALA A 30 -6.04 26.88 -23.62
CA ALA A 30 -4.90 26.91 -24.53
C ALA A 30 -3.58 26.96 -23.77
N SER A 31 -3.63 27.33 -22.50
CA SER A 31 -2.42 27.47 -21.67
C SER A 31 -1.84 26.13 -21.20
N ILE A 32 -2.55 25.04 -21.46
CA ILE A 32 -2.02 23.73 -21.10
C ILE A 32 -1.76 22.92 -22.36
N ALA A 33 -0.50 22.59 -22.63
CA ALA A 33 -0.17 21.81 -23.82
C ALA A 33 -0.55 20.34 -23.69
N ILE A 34 -0.83 19.72 -24.83
CA ILE A 34 -1.04 18.29 -24.90
C ILE A 34 0.32 17.63 -24.95
N PRO A 35 0.60 16.72 -24.00
CA PRO A 35 1.93 16.08 -24.03
C PRO A 35 2.10 15.23 -25.27
N LYS A 36 3.33 15.15 -25.77
CA LYS A 36 3.61 14.35 -26.97
C LYS A 36 3.41 12.88 -26.66
N GLU A 37 2.84 12.15 -27.59
CA GLU A 37 2.62 10.72 -27.40
C GLU A 37 3.96 9.99 -27.33
N LYS A 38 4.05 8.98 -26.48
CA LYS A 38 5.21 8.09 -26.50
C LYS A 38 5.22 7.39 -27.86
N PRO A 39 6.35 7.46 -28.58
CA PRO A 39 6.40 6.88 -29.93
C PRO A 39 6.38 5.36 -29.91
N LEU A 40 5.73 4.77 -30.90
CA LEU A 40 5.75 3.32 -31.06
C LEU A 40 7.09 2.89 -31.65
N THR A 41 7.58 1.72 -31.24
CA THR A 41 8.72 1.12 -31.92
C THR A 41 8.20 0.40 -33.14
N GLY A 42 9.10 0.01 -34.05
CA GLY A 42 8.70 -0.73 -35.24
C GLY A 42 7.91 -2.00 -34.94
N GLU A 43 8.36 -2.76 -33.93
CA GLU A 43 7.71 -4.02 -33.59
C GLU A 43 6.35 -3.79 -32.92
N GLN A 44 6.25 -2.75 -32.10
CA GLN A 44 4.99 -2.42 -31.47
C GLN A 44 3.96 -2.09 -32.55
N GLN A 45 4.39 -1.35 -33.57
CA GLN A 45 3.54 -1.03 -34.70
C GLN A 45 2.99 -2.27 -35.38
N LYS A 46 3.82 -3.28 -35.55
CA LYS A 46 3.40 -4.52 -36.18
C LYS A 46 2.34 -5.28 -35.35
N MSE A 47 2.47 -5.32 -34.03
CA MSE A 47 1.40 -6.02 -33.34
C MSE A 47 0.15 -5.15 -33.17
O MSE A 47 -0.93 -5.68 -32.97
CB MSE A 47 1.76 -6.65 -32.01
CG MSE A 47 1.92 -5.75 -30.85
SE MSE A 47 2.42 -7.00 -29.37
CE MSE A 47 4.37 -6.88 -29.73
N TYR A 48 0.31 -3.83 -33.22
CA TYR A 48 -0.86 -2.96 -33.23
C TYR A 48 -1.72 -3.34 -34.44
N ASP A 49 -1.07 -3.47 -35.59
CA ASP A 49 -1.75 -3.85 -36.82
C ASP A 49 -2.48 -5.19 -36.67
N GLU A 50 -1.95 -6.08 -35.84
CA GLU A 50 -2.61 -7.36 -35.61
C GLU A 50 -3.91 -7.21 -34.80
N VAL A 51 -3.87 -6.38 -33.76
CA VAL A 51 -5.07 -6.08 -32.97
C VAL A 51 -6.14 -5.43 -33.87
N LEU A 52 -5.74 -4.45 -34.67
CA LEU A 52 -6.67 -3.80 -35.59
C LEU A 52 -7.33 -4.82 -36.51
N LYS A 53 -6.52 -5.68 -37.12
CA LYS A 53 -7.04 -6.68 -38.03
C LYS A 53 -8.07 -7.56 -37.33
N HIS A 54 -7.75 -7.98 -36.10
CA HIS A 54 -8.66 -8.85 -35.37
C HIS A 54 -10.05 -8.23 -35.20
N PHE A 55 -10.08 -6.98 -34.75
CA PHE A 55 -11.33 -6.30 -34.48
C PHE A 55 -12.01 -5.66 -35.69
N SER A 56 -11.33 -5.67 -36.84
CA SER A 56 -11.94 -5.15 -38.06
C SER A 56 -12.65 -6.24 -38.84
N ASN A 57 -12.47 -7.49 -38.40
CA ASN A 57 -13.12 -8.63 -39.05
C ASN A 57 -14.64 -8.45 -39.06
N PRO A 58 -15.24 -8.36 -40.26
CA PRO A 58 -16.67 -8.07 -40.35
C PRO A 58 -17.56 -9.18 -39.78
N ASP A 59 -17.00 -10.37 -39.63
CA ASP A 59 -17.73 -11.52 -39.14
C ASP A 59 -17.53 -11.73 -37.64
N LEU A 60 -16.74 -10.86 -37.01
CA LEU A 60 -16.40 -11.04 -35.59
C LEU A 60 -17.64 -11.04 -34.71
N LYS A 61 -17.70 -11.97 -33.77
CA LYS A 61 -18.75 -11.99 -32.77
C LYS A 61 -18.10 -12.13 -31.40
N VAL A 62 -18.62 -11.41 -30.42
CA VAL A 62 -18.03 -11.46 -29.08
C VAL A 62 -19.12 -11.72 -28.06
N TYR A 63 -18.71 -12.16 -26.87
CA TYR A 63 -19.64 -12.47 -25.78
C TYR A 63 -20.56 -11.31 -25.41
N THR A 64 -21.75 -11.66 -24.92
CA THR A 64 -22.75 -10.66 -24.52
C THR A 64 -22.69 -10.38 -23.03
N SER A 65 -21.82 -11.10 -22.33
CA SER A 65 -21.66 -10.95 -20.90
C SER A 65 -20.28 -11.39 -20.44
N GLU A 66 -19.79 -10.82 -19.35
CA GLU A 66 -18.56 -11.30 -18.72
C GLU A 66 -18.87 -12.31 -17.61
N LYS A 67 -19.71 -11.92 -16.65
CA LYS A 67 -20.06 -12.85 -15.58
C LYS A 67 -20.88 -14.06 -16.06
N ASN A 68 -21.61 -13.90 -17.16
CA ASN A 68 -22.34 -15.06 -17.74
C ASN A 68 -21.88 -15.41 -19.14
N LYS A 69 -20.60 -15.16 -19.39
CA LYS A 69 -19.94 -15.52 -20.63
C LYS A 69 -20.38 -16.92 -21.06
N SER A 70 -20.76 -17.05 -22.32
CA SER A 70 -21.20 -18.33 -22.87
C SER A 70 -20.76 -18.43 -24.31
N GLU A 71 -20.22 -19.58 -24.71
CA GLU A 71 -19.83 -19.74 -26.11
C GLU A 71 -21.07 -19.86 -27.00
N ASP A 72 -22.25 -19.94 -26.39
CA ASP A 72 -23.50 -20.04 -27.13
C ASP A 72 -24.23 -18.72 -27.28
N ASP A 73 -23.62 -17.64 -26.77
CA ASP A 73 -24.23 -16.33 -26.91
C ASP A 73 -23.21 -15.27 -27.31
N LEU A 74 -23.11 -15.04 -28.61
CA LEU A 74 -22.14 -14.12 -29.17
C LEU A 74 -22.85 -13.23 -30.17
N LYS A 75 -22.49 -11.95 -30.20
CA LYS A 75 -23.16 -11.01 -31.10
C LYS A 75 -22.09 -10.13 -31.73
N PRO A 76 -22.31 -9.73 -33.00
CA PRO A 76 -21.37 -8.87 -33.72
C PRO A 76 -21.25 -7.52 -33.04
N LEU A 77 -20.26 -6.74 -33.45
CA LEU A 77 -20.07 -5.40 -32.92
C LEU A 77 -21.13 -4.45 -33.45
N GLU A 78 -21.75 -3.71 -32.55
CA GLU A 78 -22.66 -2.63 -32.95
C GLU A 78 -21.84 -1.43 -33.40
N GLU A 79 -22.52 -0.48 -34.04
CA GLU A 79 -21.91 0.78 -34.47
C GLU A 79 -21.18 1.48 -33.32
N GLU A 80 -21.84 1.59 -32.17
CA GLU A 80 -21.28 2.30 -31.02
C GLU A 80 -20.08 1.58 -30.44
N GLU A 81 -20.02 0.27 -30.61
CA GLU A 81 -18.89 -0.50 -30.10
C GLU A 81 -17.67 -0.28 -30.98
N LYS A 82 -17.88 -0.20 -32.29
CA LYS A 82 -16.82 0.16 -33.22
C LYS A 82 -16.24 1.54 -32.90
N ALA A 83 -17.09 2.46 -32.45
CA ALA A 83 -16.61 3.80 -32.07
C ALA A 83 -15.76 3.80 -30.79
N TRP A 84 -15.94 2.78 -29.95
CA TRP A 84 -15.18 2.67 -28.71
C TRP A 84 -13.85 1.98 -28.98
N LEU A 85 -13.83 1.15 -30.03
CA LEU A 85 -12.63 0.41 -30.43
C LEU A 85 -11.66 1.29 -31.26
N THR A 86 -11.06 2.25 -30.59
CA THR A 86 -10.16 3.20 -31.22
C THR A 86 -8.69 2.78 -31.20
N ARG A 87 -7.89 3.52 -31.96
CA ARG A 87 -6.44 3.37 -31.97
C ARG A 87 -5.90 3.40 -30.55
N GLU A 88 -6.34 4.39 -29.80
CA GLU A 88 -5.85 4.59 -28.45
C GLU A 88 -6.39 3.54 -27.47
N CYS A 89 -7.61 3.06 -27.73
CA CYS A 89 -8.14 1.93 -26.97
C CYS A 89 -7.19 0.75 -27.13
N PHE A 90 -6.82 0.44 -28.38
CA PHE A 90 -5.92 -0.69 -28.63
C PHE A 90 -4.59 -0.50 -27.89
N LEU A 91 -4.10 0.72 -27.92
CA LEU A 91 -2.83 1.03 -27.30
C LEU A 91 -2.87 0.94 -25.78
N ARG A 92 -3.98 1.34 -25.17
CA ARG A 92 -4.11 1.20 -23.72
C ARG A 92 -4.05 -0.27 -23.33
N TYR A 93 -4.76 -1.12 -24.06
CA TYR A 93 -4.72 -2.54 -23.77
C TYR A 93 -3.36 -3.18 -24.07
N LEU A 94 -2.71 -2.74 -25.15
CA LEU A 94 -1.39 -3.26 -25.52
C LEU A 94 -0.34 -2.96 -24.44
N ARG A 95 -0.34 -1.70 -23.96
N ARG A 95 -0.34 -1.72 -23.94
CA ARG A 95 0.56 -1.30 -22.87
CA ARG A 95 0.58 -1.35 -22.87
C ARG A 95 0.22 -2.05 -21.57
C ARG A 95 0.22 -2.03 -21.55
N ALA A 96 -1.07 -2.13 -21.26
CA ALA A 96 -1.49 -2.83 -20.03
C ALA A 96 -1.15 -4.31 -20.01
N THR A 97 -1.18 -4.95 -21.17
CA THR A 97 -0.83 -6.36 -21.27
C THR A 97 0.64 -6.60 -21.60
N LYS A 98 1.44 -5.54 -21.52
CA LYS A 98 2.89 -5.63 -21.75
C LYS A 98 3.16 -6.19 -23.13
N TRP A 99 2.32 -5.81 -24.08
CA TRP A 99 2.51 -6.15 -25.48
C TRP A 99 2.49 -7.66 -25.73
N VAL A 100 1.60 -8.37 -25.05
CA VAL A 100 1.34 -9.78 -25.38
C VAL A 100 0.04 -9.84 -26.15
N LEU A 101 0.13 -10.15 -27.45
CA LEU A 101 -1.01 -10.05 -28.35
C LEU A 101 -2.28 -10.79 -27.92
N LYS A 102 -2.12 -12.04 -27.48
CA LYS A 102 -3.28 -12.81 -27.10
C LYS A 102 -3.97 -12.20 -25.87
N ASP A 103 -3.19 -11.78 -24.89
CA ASP A 103 -3.73 -11.16 -23.68
C ASP A 103 -4.45 -9.87 -24.05
N CYS A 104 -3.85 -9.08 -24.94
CA CYS A 104 -4.49 -7.85 -25.41
C CYS A 104 -5.86 -8.11 -26.04
N ILE A 105 -5.92 -9.03 -26.99
CA ILE A 105 -7.18 -9.32 -27.66
C ILE A 105 -8.22 -9.88 -26.68
N ASP A 106 -7.79 -10.80 -25.82
CA ASP A 106 -8.70 -11.38 -24.81
C ASP A 106 -9.24 -10.31 -23.87
N ARG A 107 -8.37 -9.43 -23.38
CA ARG A 107 -8.80 -8.34 -22.50
C ARG A 107 -9.81 -7.39 -23.13
N ILE A 108 -9.54 -6.97 -24.38
CA ILE A 108 -10.47 -6.06 -25.06
C ILE A 108 -11.83 -6.73 -25.22
N THR A 109 -11.79 -8.01 -25.57
CA THR A 109 -13.00 -8.78 -25.80
C THR A 109 -13.84 -8.88 -24.51
N MSE A 110 -13.19 -9.20 -23.38
CA MSE A 110 -13.92 -9.29 -22.11
C MSE A 110 -14.45 -7.91 -21.63
O MSE A 110 -15.50 -7.83 -20.97
CB MSE A 110 -13.13 -10.01 -21.00
CG MSE A 110 -11.82 -9.31 -20.63
SE MSE A 110 -10.57 -10.13 -19.29
CE MSE A 110 -9.62 -11.46 -20.39
N THR A 111 -13.73 -6.82 -21.90
CA THR A 111 -14.29 -5.51 -21.56
C THR A 111 -15.52 -5.21 -22.43
N LEU A 112 -15.46 -5.53 -23.72
CA LEU A 112 -16.64 -5.38 -24.59
C LEU A 112 -17.83 -6.14 -23.99
N ALA A 113 -17.57 -7.32 -23.48
CA ALA A 113 -18.59 -8.17 -22.89
C ALA A 113 -19.13 -7.53 -21.61
N TRP A 114 -18.22 -7.05 -20.76
CA TRP A 114 -18.63 -6.44 -19.50
C TRP A 114 -19.44 -5.15 -19.73
N ARG A 115 -19.03 -4.35 -20.70
CA ARG A 115 -19.74 -3.12 -21.01
C ARG A 115 -21.17 -3.43 -21.45
N ARG A 116 -21.34 -4.56 -22.15
CA ARG A 116 -22.69 -5.03 -22.53
C ARG A 116 -23.53 -5.41 -21.33
N GLU A 117 -22.98 -6.33 -20.53
CA GLU A 117 -23.57 -6.76 -19.26
C GLU A 117 -23.92 -5.61 -18.32
N PHE A 118 -23.05 -4.60 -18.23
CA PHE A 118 -23.18 -3.58 -17.20
C PHE A 118 -24.17 -2.48 -17.58
N GLY A 119 -24.42 -2.32 -18.87
CA GLY A 119 -25.37 -1.32 -19.33
C GLY A 119 -24.76 -0.06 -19.92
N ILE A 120 -23.51 -0.16 -20.38
CA ILE A 120 -22.84 1.00 -20.97
C ILE A 120 -22.20 0.75 -22.33
N SER A 121 -22.73 -0.22 -23.07
CA SER A 121 -22.13 -0.58 -24.36
C SER A 121 -22.51 0.31 -25.54
N HIS A 122 -23.31 1.35 -25.30
CA HIS A 122 -23.92 2.10 -26.40
C HIS A 122 -23.43 3.55 -26.48
N LEU A 123 -22.38 3.87 -25.73
CA LEU A 123 -21.86 5.23 -25.68
C LEU A 123 -22.95 6.25 -25.41
N GLY A 124 -23.77 6.00 -24.40
CA GLY A 124 -24.68 7.02 -23.92
C GLY A 124 -26.10 6.49 -23.80
N GLU A 125 -26.84 6.99 -22.82
CA GLU A 125 -28.25 6.65 -22.70
C GLU A 125 -29.05 6.99 -23.96
N GLU A 126 -28.57 8.00 -24.69
CA GLU A 126 -29.22 8.41 -25.94
C GLU A 126 -29.13 7.33 -27.02
N HIS A 127 -28.29 6.32 -26.82
CA HIS A 127 -28.22 5.18 -27.74
C HIS A 127 -28.70 3.89 -27.07
N GLY A 128 -29.31 4.00 -25.89
CA GLY A 128 -29.90 2.83 -25.25
C GLY A 128 -29.20 2.32 -24.00
N ASP A 129 -28.17 3.01 -23.51
CA ASP A 129 -27.52 2.61 -22.26
C ASP A 129 -28.52 2.49 -21.11
N LYS A 130 -28.47 1.38 -20.40
CA LYS A 130 -29.27 1.20 -19.20
C LYS A 130 -28.80 2.11 -18.07
N ILE A 131 -27.50 2.38 -18.03
CA ILE A 131 -26.97 3.28 -17.00
C ILE A 131 -27.19 4.72 -17.44
N THR A 132 -28.14 5.39 -16.80
CA THR A 132 -28.52 6.73 -17.19
C THR A 132 -28.12 7.73 -16.13
N ALA A 133 -28.06 8.99 -16.52
CA ALA A 133 -27.84 10.09 -15.57
C ALA A 133 -28.91 10.07 -14.46
N ASP A 134 -30.16 9.80 -14.83
CA ASP A 134 -31.25 9.81 -13.84
C ASP A 134 -31.09 8.72 -12.79
N LEU A 135 -30.68 7.53 -13.24
CA LEU A 135 -30.44 6.40 -12.36
C LEU A 135 -29.40 6.70 -11.28
N VAL A 136 -28.32 7.37 -11.64
CA VAL A 136 -27.22 7.56 -10.70
C VAL A 136 -27.16 8.95 -10.07
N ALA A 137 -28.00 9.87 -10.51
CA ALA A 137 -27.93 11.26 -10.04
C ALA A 137 -27.94 11.43 -8.52
N VAL A 138 -28.82 10.70 -7.85
CA VAL A 138 -28.96 10.82 -6.38
C VAL A 138 -27.64 10.54 -5.66
N GLU A 139 -26.83 9.64 -6.22
CA GLU A 139 -25.52 9.32 -5.67
C GLU A 139 -24.57 10.53 -5.66
N ASN A 140 -24.79 11.51 -6.52
CA ASN A 140 -23.90 12.67 -6.55
C ASN A 140 -24.44 13.90 -5.82
N GLU A 141 -25.60 13.75 -5.18
CA GLU A 141 -26.26 14.91 -4.56
C GLU A 141 -25.44 15.63 -3.51
N SER A 142 -24.58 14.91 -2.78
CA SER A 142 -23.71 15.56 -1.80
C SER A 142 -22.33 15.94 -2.38
N GLY A 143 -22.16 15.75 -3.67
CA GLY A 143 -20.92 16.12 -4.33
C GLY A 143 -19.72 15.27 -3.93
N LYS A 144 -19.92 13.98 -3.69
CA LYS A 144 -18.82 13.12 -3.27
C LYS A 144 -17.87 12.83 -4.43
N GLN A 145 -18.33 13.12 -5.64
CA GLN A 145 -17.46 13.02 -6.81
C GLN A 145 -17.69 14.21 -7.71
N VAL A 146 -16.61 14.84 -8.16
CA VAL A 146 -16.70 16.04 -8.96
C VAL A 146 -15.70 16.01 -10.10
N ILE A 147 -16.18 16.23 -11.32
CA ILE A 147 -15.30 16.42 -12.47
C ILE A 147 -15.10 17.93 -12.67
N LEU A 148 -13.85 18.39 -12.61
CA LEU A 148 -13.57 19.82 -12.61
C LEU A 148 -12.08 20.11 -12.86
N GLY A 149 -11.81 20.74 -14.00
CA GLY A 149 -10.47 21.22 -14.29
C GLY A 149 -9.59 20.20 -14.98
N TYR A 150 -8.39 20.66 -15.35
CA TYR A 150 -7.41 19.84 -16.02
C TYR A 150 -6.05 20.11 -15.37
N GLU A 151 -5.19 19.09 -15.33
CA GLU A 151 -3.89 19.18 -14.66
C GLU A 151 -2.77 19.53 -15.64
N ASN A 152 -1.53 19.58 -15.15
CA ASN A 152 -0.38 20.04 -15.93
C ASN A 152 -0.20 19.29 -17.25
N ASP A 153 -0.62 18.03 -17.26
CA ASP A 153 -0.46 17.17 -18.44
C ASP A 153 -1.76 17.06 -19.25
N ALA A 154 -2.68 18.00 -19.03
CA ALA A 154 -3.97 18.05 -19.73
C ALA A 154 -4.93 16.91 -19.37
N ARG A 155 -4.73 16.29 -18.21
CA ARG A 155 -5.63 15.22 -17.80
C ARG A 155 -6.83 15.88 -17.13
N PRO A 156 -8.05 15.43 -17.46
CA PRO A 156 -9.21 15.95 -16.72
C PRO A 156 -9.16 15.47 -15.27
N ILE A 157 -9.62 16.30 -14.34
CA ILE A 157 -9.56 15.97 -12.91
C ILE A 157 -10.89 15.42 -12.40
N LEU A 158 -10.82 14.27 -11.72
CA LEU A 158 -11.95 13.74 -10.97
C LEU A 158 -11.62 13.76 -9.48
N TYR A 159 -12.41 14.49 -8.71
CA TYR A 159 -12.30 14.50 -7.24
C TYR A 159 -13.11 13.37 -6.64
N LEU A 160 -12.49 12.63 -5.71
CA LEU A 160 -13.20 11.65 -4.92
C LEU A 160 -13.16 12.15 -3.48
N LYS A 161 -14.33 12.27 -2.85
CA LYS A 161 -14.41 12.75 -1.47
C LYS A 161 -15.26 11.77 -0.67
N PRO A 162 -14.67 10.63 -0.29
CA PRO A 162 -15.42 9.55 0.38
C PRO A 162 -16.07 9.97 1.69
N GLY A 163 -15.55 11.01 2.32
CA GLY A 163 -16.13 11.52 3.55
C GLY A 163 -17.44 12.26 3.33
N ARG A 164 -17.81 12.45 2.06
CA ARG A 164 -19.11 13.05 1.73
C ARG A 164 -20.13 12.00 1.30
N GLN A 165 -19.90 10.75 1.69
CA GLN A 165 -20.78 9.64 1.35
C GLN A 165 -22.21 9.88 1.83
N ASN A 166 -23.18 9.71 0.92
CA ASN A 166 -24.55 10.10 1.18
C ASN A 166 -25.55 8.98 1.00
N THR A 167 -25.09 7.80 0.61
CA THR A 167 -26.01 6.70 0.34
C THR A 167 -25.55 5.39 0.95
N LYS A 168 -26.51 4.46 1.12
CA LYS A 168 -26.24 3.13 1.64
C LYS A 168 -25.50 2.31 0.60
N THR A 169 -24.66 1.38 1.06
CA THR A 169 -23.96 0.45 0.18
C THR A 169 -24.97 -0.25 -0.74
N SER A 170 -24.69 -0.27 -2.04
CA SER A 170 -25.63 -0.83 -3.00
C SER A 170 -24.91 -1.01 -4.34
N HIS A 171 -25.42 -1.86 -5.23
CA HIS A 171 -24.89 -1.77 -6.61
C HIS A 171 -25.08 -0.45 -7.42
N ARG A 172 -26.00 0.40 -7.00
CA ARG A 172 -26.13 1.75 -7.61
C ARG A 172 -24.89 2.61 -7.35
N GLN A 173 -24.19 2.38 -6.24
CA GLN A 173 -22.93 3.05 -5.96
C GLN A 173 -21.85 2.71 -6.99
N VAL A 174 -21.79 1.43 -7.39
CA VAL A 174 -20.89 0.98 -8.45
C VAL A 174 -21.27 1.60 -9.81
N GLN A 175 -22.56 1.60 -10.11
CA GLN A 175 -23.06 2.20 -11.35
C GLN A 175 -22.70 3.69 -11.41
N HIS A 176 -22.83 4.36 -10.28
CA HIS A 176 -22.50 5.77 -10.17
C HIS A 176 -21.01 5.97 -10.46
N LEU A 177 -20.14 5.21 -9.78
CA LEU A 177 -18.70 5.22 -10.06
C LEU A 177 -18.36 5.05 -11.55
N VAL A 178 -18.95 4.06 -12.19
CA VAL A 178 -18.64 3.77 -13.58
C VAL A 178 -19.13 4.93 -14.45
N PHE A 179 -20.32 5.42 -14.13
CA PHE A 179 -20.89 6.58 -14.84
C PHE A 179 -19.93 7.77 -14.83
N MSE A 180 -19.41 8.10 -13.67
CA MSE A 180 -18.53 9.27 -13.62
C MSE A 180 -17.18 9.01 -14.32
O MSE A 180 -16.61 9.92 -14.93
CB MSE A 180 -18.23 9.65 -12.20
CG MSE A 180 -17.39 8.63 -11.60
SE MSE A 180 -17.19 8.93 -9.78
CE MSE A 180 -18.99 8.39 -9.36
N LEU A 181 -16.64 7.78 -14.22
CA LEU A 181 -15.42 7.45 -14.94
C LEU A 181 -15.68 7.64 -16.42
N GLU A 182 -16.86 7.18 -16.86
CA GLU A 182 -17.24 7.35 -18.26
C GLU A 182 -17.37 8.83 -18.63
N ARG A 183 -17.91 9.65 -17.73
CA ARG A 183 -18.01 11.09 -17.99
C ARG A 183 -16.64 11.77 -17.98
N VAL A 184 -15.75 11.38 -17.07
CA VAL A 184 -14.45 12.04 -17.07
C VAL A 184 -13.73 11.70 -18.36
N ILE A 185 -13.96 10.48 -18.85
CA ILE A 185 -13.42 10.07 -20.14
C ILE A 185 -14.02 10.91 -21.28
N ASP A 186 -15.29 11.22 -21.20
CA ASP A 186 -15.92 12.13 -22.17
C ASP A 186 -15.19 13.48 -22.20
N PHE A 187 -14.66 13.90 -21.05
CA PHE A 187 -13.97 15.18 -20.92
C PHE A 187 -12.51 15.19 -21.39
N MSE A 188 -12.01 14.07 -21.92
CA MSE A 188 -10.60 14.11 -22.29
C MSE A 188 -10.43 15.08 -23.47
O MSE A 188 -11.23 15.10 -24.40
CB MSE A 188 -10.01 12.78 -22.71
CG MSE A 188 -10.45 12.34 -24.02
SE MSE A 188 -9.75 10.60 -24.46
CE MSE A 188 -11.01 9.82 -23.19
N PRO A 189 -9.37 15.90 -23.39
CA PRO A 189 -8.95 16.73 -24.53
C PRO A 189 -8.42 15.82 -25.62
N ALA A 190 -8.63 16.21 -26.88
CA ALA A 190 -8.05 15.48 -28.00
C ALA A 190 -6.54 15.39 -27.82
N GLY A 191 -6.02 14.18 -27.71
CA GLY A 191 -4.59 13.98 -27.51
C GLY A 191 -4.23 13.50 -26.11
N GLN A 192 -5.21 13.29 -25.26
CA GLN A 192 -4.96 12.77 -23.92
C GLN A 192 -6.03 11.73 -23.59
N ASP A 193 -5.64 10.63 -22.92
CA ASP A 193 -6.58 9.56 -22.61
C ASP A 193 -6.45 9.04 -21.18
N SER A 194 -5.69 9.74 -20.35
CA SER A 194 -5.61 9.40 -18.92
C SER A 194 -6.19 10.55 -18.10
N LEU A 195 -6.60 10.21 -16.88
CA LEU A 195 -7.22 11.17 -16.00
C LEU A 195 -6.35 11.30 -14.77
N ALA A 196 -6.63 12.33 -13.99
CA ALA A 196 -6.01 12.48 -12.68
C ALA A 196 -7.10 12.39 -11.62
N LEU A 197 -6.85 11.58 -10.58
CA LEU A 197 -7.74 11.51 -9.43
C LEU A 197 -7.21 12.42 -8.32
N LEU A 198 -8.10 13.13 -7.65
CA LEU A 198 -7.75 13.90 -6.47
C LEU A 198 -8.63 13.35 -5.36
N ILE A 199 -7.99 12.67 -4.41
CA ILE A 199 -8.72 11.98 -3.38
C ILE A 199 -8.52 12.66 -2.03
N ASP A 200 -9.62 13.15 -1.47
CA ASP A 200 -9.61 13.85 -0.19
C ASP A 200 -10.26 12.92 0.82
N PHE A 201 -9.48 12.43 1.78
CA PHE A 201 -9.98 11.45 2.75
C PHE A 201 -10.65 12.09 3.97
N LYS A 202 -10.60 13.42 4.06
CA LYS A 202 -11.22 14.13 5.17
C LYS A 202 -12.69 13.74 5.37
N ASP A 203 -13.10 13.60 6.62
CA ASP A 203 -14.51 13.34 6.87
C ASP A 203 -15.27 14.66 6.80
N TYR A 204 -16.48 14.62 6.24
CA TYR A 204 -17.30 15.82 6.15
C TYR A 204 -18.61 15.66 6.94
N PRO A 205 -18.61 16.14 8.20
CA PRO A 205 -19.75 16.03 9.11
C PRO A 205 -20.97 16.81 8.60
N ASP A 206 -20.74 17.86 7.83
CA ASP A 206 -21.82 18.64 7.23
C ASP A 206 -22.69 17.80 6.30
N VAL A 207 -22.15 16.66 5.87
CA VAL A 207 -22.93 15.69 5.12
C VAL A 207 -23.46 14.64 6.09
N PRO A 208 -24.79 14.53 6.20
CA PRO A 208 -25.45 13.54 7.05
C PRO A 208 -24.96 12.11 6.75
N LYS A 209 -25.24 11.18 7.67
CA LYS A 209 -24.78 9.78 7.64
C LYS A 209 -23.47 9.59 8.40
N GLY A 220 -18.47 -7.13 -1.31
CA GLY A 220 -19.34 -7.47 -2.42
C GLY A 220 -19.27 -6.34 -3.43
N VAL A 221 -19.65 -5.16 -2.95
CA VAL A 221 -19.48 -3.92 -3.71
C VAL A 221 -17.98 -3.61 -3.84
N GLY A 222 -17.23 -3.83 -2.77
CA GLY A 222 -15.79 -3.61 -2.80
C GLY A 222 -15.11 -4.49 -3.84
N LYS A 223 -15.47 -5.77 -3.84
CA LYS A 223 -14.93 -6.71 -4.81
C LYS A 223 -15.35 -6.36 -6.24
N GLU A 224 -16.56 -5.86 -6.43
CA GLU A 224 -17.01 -5.57 -7.80
C GLU A 224 -16.26 -4.35 -8.33
N VAL A 225 -16.16 -3.32 -7.49
CA VAL A 225 -15.40 -2.12 -7.83
C VAL A 225 -13.97 -2.46 -8.17
N LEU A 226 -13.35 -3.30 -7.36
CA LEU A 226 -11.99 -3.73 -7.63
C LEU A 226 -11.85 -4.42 -8.99
N HIS A 227 -12.72 -5.39 -9.27
CA HIS A 227 -12.64 -6.10 -10.54
C HIS A 227 -12.77 -5.13 -11.71
N ILE A 228 -13.72 -4.20 -11.63
CA ILE A 228 -13.90 -3.25 -12.73
C ILE A 228 -12.65 -2.40 -12.95
N LEU A 229 -12.13 -1.83 -11.87
CA LEU A 229 -10.96 -0.97 -11.95
C LEU A 229 -9.69 -1.68 -12.45
N GLN A 230 -9.52 -2.95 -12.10
CA GLN A 230 -8.31 -3.67 -12.51
C GLN A 230 -8.44 -4.38 -13.85
N THR A 231 -9.66 -4.52 -14.34
CA THR A 231 -9.86 -5.31 -15.54
C THR A 231 -10.29 -4.46 -16.74
N HIS A 232 -11.09 -3.43 -16.49
CA HIS A 232 -11.81 -2.77 -17.59
C HIS A 232 -11.47 -1.30 -17.85
N TYR A 233 -10.51 -0.74 -17.11
CA TYR A 233 -10.00 0.62 -17.35
C TYR A 233 -8.46 0.73 -17.40
N PRO A 234 -7.82 -0.07 -18.29
CA PRO A 234 -6.36 -0.07 -18.36
C PRO A 234 -5.80 1.27 -18.78
N GLU A 235 -4.72 1.69 -18.11
CA GLU A 235 -3.96 2.85 -18.51
C GLU A 235 -4.74 4.15 -18.43
N ARG A 236 -5.71 4.21 -17.52
CA ARG A 236 -6.49 5.42 -17.35
C ARG A 236 -5.94 6.28 -16.22
N LEU A 237 -5.22 5.68 -15.30
CA LEU A 237 -4.78 6.45 -14.13
C LEU A 237 -3.48 7.15 -14.44
N GLY A 238 -3.56 8.44 -14.70
CA GLY A 238 -2.35 9.17 -15.02
C GLY A 238 -1.68 9.64 -13.75
N LYS A 239 -2.48 10.08 -12.79
CA LYS A 239 -1.95 10.64 -11.56
C LYS A 239 -3.01 10.52 -10.46
N ALA A 240 -2.58 10.16 -9.26
CA ALA A 240 -3.48 10.14 -8.11
C ALA A 240 -2.93 11.04 -7.00
N LEU A 241 -3.64 12.13 -6.75
CA LEU A 241 -3.23 13.11 -5.74
C LEU A 241 -3.99 12.85 -4.46
N LEU A 242 -3.27 12.52 -3.40
CA LEU A 242 -3.89 12.11 -2.14
C LEU A 242 -3.70 13.19 -1.08
N THR A 243 -4.75 13.48 -0.33
CA THR A 243 -4.66 14.51 0.71
C THR A 243 -5.53 14.17 1.91
N ASN A 244 -5.21 14.76 3.05
CA ASN A 244 -5.88 14.44 4.32
C ASN A 244 -5.87 12.96 4.64
N ILE A 245 -4.74 12.31 4.43
CA ILE A 245 -4.64 10.89 4.74
C ILE A 245 -4.55 10.71 6.27
N PRO A 246 -5.40 9.84 6.84
CA PRO A 246 -5.35 9.46 8.25
C PRO A 246 -3.95 8.99 8.60
N TRP A 247 -3.38 9.42 9.73
CA TRP A 247 -1.97 9.17 9.99
C TRP A 247 -1.57 7.68 9.94
N LEU A 248 -2.46 6.79 10.38
CA LEU A 248 -2.14 5.36 10.39
C LEU A 248 -2.05 4.76 8.99
N ALA A 249 -3.04 5.03 8.14
CA ALA A 249 -2.97 4.60 6.74
C ALA A 249 -1.74 5.19 6.07
N TRP A 250 -1.45 6.45 6.41
CA TRP A 250 -0.28 7.16 5.91
C TRP A 250 0.99 6.40 6.24
N THR A 251 1.11 6.00 7.50
CA THR A 251 2.27 5.24 7.96
C THR A 251 2.44 3.94 7.17
N PHE A 252 1.34 3.24 6.96
CA PHE A 252 1.37 2.03 6.13
C PHE A 252 1.69 2.30 4.66
N LEU A 253 1.17 3.39 4.13
CA LEU A 253 1.54 3.84 2.79
C LEU A 253 3.04 4.09 2.70
N LYS A 254 3.57 4.82 3.67
CA LYS A 254 5.01 5.13 3.67
C LYS A 254 5.88 3.87 3.84
N LEU A 255 5.40 2.92 4.64
CA LEU A 255 6.10 1.65 4.84
C LEU A 255 6.14 0.83 3.57
N ILE A 256 5.04 0.83 2.82
CA ILE A 256 4.97 0.04 1.60
C ILE A 256 5.62 0.73 0.39
N HIS A 257 5.60 2.05 0.40
CA HIS A 257 6.07 2.87 -0.73
C HIS A 257 7.42 2.46 -1.39
N PRO A 258 8.46 2.16 -0.60
CA PRO A 258 9.73 1.80 -1.24
C PRO A 258 9.65 0.52 -2.06
N PHE A 259 8.60 -0.27 -1.88
CA PHE A 259 8.49 -1.56 -2.52
C PHE A 259 7.49 -1.57 -3.67
N ILE A 260 6.95 -0.39 -4.00
CA ILE A 260 6.06 -0.25 -5.15
C ILE A 260 6.92 -0.04 -6.38
N ASP A 261 6.53 -0.62 -7.51
CA ASP A 261 7.33 -0.46 -8.73
C ASP A 261 7.40 1.02 -9.13
N PRO A 262 8.58 1.44 -9.63
CA PRO A 262 8.87 2.85 -9.96
C PRO A 262 7.78 3.53 -10.79
N LEU A 263 7.22 2.84 -11.77
CA LEU A 263 6.22 3.43 -12.65
C LEU A 263 4.92 3.76 -11.91
N THR A 264 4.44 2.82 -11.11
CA THR A 264 3.26 3.03 -10.28
C THR A 264 3.55 4.06 -9.20
N ARG A 265 4.75 3.96 -8.60
CA ARG A 265 5.22 4.94 -7.61
C ARG A 265 5.09 6.38 -8.11
N GLU A 266 5.50 6.62 -9.36
CA GLU A 266 5.50 7.96 -9.93
C GLU A 266 4.08 8.53 -10.11
N LYS A 267 3.07 7.67 -10.15
CA LYS A 267 1.71 8.18 -10.31
C LYS A 267 1.14 8.76 -9.01
N LEU A 268 1.66 8.31 -7.87
CA LEU A 268 1.11 8.75 -6.59
C LEU A 268 1.77 10.02 -6.08
N VAL A 269 0.96 10.98 -5.67
CA VAL A 269 1.46 12.22 -5.10
C VAL A 269 0.84 12.41 -3.74
N PHE A 270 1.68 12.62 -2.73
CA PHE A 270 1.20 12.95 -1.39
C PHE A 270 2.29 13.78 -0.69
N ASP A 271 1.90 14.52 0.35
CA ASP A 271 2.82 15.39 1.09
C ASP A 271 3.54 16.37 0.15
N GLU A 272 2.81 16.81 -0.88
CA GLU A 272 3.30 17.81 -1.81
C GLU A 272 2.17 18.79 -2.11
N PRO A 273 2.53 20.05 -2.40
CA PRO A 273 1.56 21.04 -2.88
C PRO A 273 0.93 20.59 -4.19
N PHE A 274 -0.39 20.53 -4.24
CA PHE A 274 -1.05 20.12 -5.48
C PHE A 274 -0.79 21.08 -6.65
N VAL A 275 -0.49 22.34 -6.34
CA VAL A 275 -0.14 23.29 -7.39
C VAL A 275 1.13 22.91 -8.17
N LYS A 276 1.94 22.00 -7.64
CA LYS A 276 3.08 21.51 -8.42
C LYS A 276 2.59 20.68 -9.61
N TYR A 277 1.38 20.16 -9.50
CA TYR A 277 0.89 19.23 -10.51
C TYR A 277 -0.32 19.74 -11.26
N VAL A 278 -0.97 20.78 -10.70
CA VAL A 278 -2.19 21.36 -11.28
C VAL A 278 -2.06 22.89 -11.32
N PRO A 279 -2.39 23.51 -12.46
CA PRO A 279 -2.38 24.98 -12.47
C PRO A 279 -3.33 25.55 -11.44
N LYS A 280 -2.95 26.64 -10.78
CA LYS A 280 -3.78 27.27 -9.77
C LYS A 280 -5.21 27.54 -10.25
N ASN A 281 -5.36 28.03 -11.47
CA ASN A 281 -6.70 28.30 -11.98
C ASN A 281 -7.47 27.06 -12.46
N GLU A 282 -6.94 25.89 -12.14
CA GLU A 282 -7.61 24.63 -12.49
C GLU A 282 -7.86 23.78 -11.23
N LEU A 283 -7.54 24.34 -10.08
CA LEU A 283 -7.52 23.57 -8.82
C LEU A 283 -8.45 24.17 -7.76
N ASP A 284 -9.23 23.31 -7.12
CA ASP A 284 -10.08 23.71 -6.01
C ASP A 284 -9.26 24.45 -4.94
N SER A 285 -9.79 25.58 -4.46
CA SER A 285 -9.07 26.44 -3.51
C SER A 285 -8.88 25.75 -2.17
N LEU A 286 -9.66 24.70 -1.91
CA LEU A 286 -9.49 23.92 -0.69
C LEU A 286 -8.12 23.26 -0.65
N TYR A 287 -7.53 23.02 -1.82
CA TYR A 287 -6.24 22.34 -1.94
C TYR A 287 -5.11 23.25 -2.43
N GLY A 288 -5.30 24.56 -2.29
CA GLY A 288 -4.26 25.51 -2.65
C GLY A 288 -4.53 26.26 -3.92
N GLY A 289 -5.59 25.87 -4.63
CA GLY A 289 -5.89 26.48 -5.92
C GLY A 289 -6.61 27.81 -5.86
N ASP A 290 -7.02 28.30 -7.04
CA ASP A 290 -7.78 29.56 -7.17
C ASP A 290 -9.29 29.35 -7.39
N LEU A 291 -9.72 28.10 -7.53
CA LEU A 291 -11.14 27.85 -7.81
C LEU A 291 -11.98 27.69 -6.55
N LYS A 292 -12.84 28.67 -6.29
CA LYS A 292 -13.75 28.60 -5.16
C LYS A 292 -15.00 27.83 -5.60
N PHE A 293 -15.02 26.54 -5.27
CA PHE A 293 -16.09 25.65 -5.75
C PHE A 293 -16.98 25.22 -4.60
N LYS A 294 -18.28 25.43 -4.78
CA LYS A 294 -19.25 24.85 -3.86
C LYS A 294 -20.21 23.99 -4.69
N TYR A 295 -20.36 22.73 -4.29
CA TYR A 295 -21.23 21.80 -5.00
C TYR A 295 -22.69 22.21 -4.85
N ASN A 296 -23.34 22.48 -5.96
CA ASN A 296 -24.76 22.79 -5.98
C ASN A 296 -25.39 21.87 -7.01
N HIS A 297 -26.08 20.84 -6.53
CA HIS A 297 -26.50 19.75 -7.39
C HIS A 297 -27.35 20.20 -8.58
N ASP A 298 -28.30 21.10 -8.34
CA ASP A 298 -29.23 21.55 -9.38
C ASP A 298 -28.57 22.45 -10.41
N VAL A 299 -27.35 22.89 -10.13
CA VAL A 299 -26.54 23.62 -11.09
C VAL A 299 -25.49 22.73 -11.74
N TYR A 300 -24.71 22.05 -10.90
CA TYR A 300 -23.59 21.26 -11.40
C TYR A 300 -24.02 20.06 -12.25
N TRP A 301 -25.01 19.31 -11.77
CA TRP A 301 -25.36 18.04 -12.40
C TRP A 301 -25.89 18.18 -13.84
N PRO A 302 -26.90 19.06 -14.06
CA PRO A 302 -27.33 19.25 -15.45
C PRO A 302 -26.20 19.75 -16.35
N ALA A 303 -25.28 20.56 -15.82
CA ALA A 303 -24.18 21.09 -16.63
C ALA A 303 -23.22 19.97 -17.05
N LEU A 304 -22.91 19.10 -16.10
CA LEU A 304 -22.04 17.96 -16.36
C LEU A 304 -22.63 17.05 -17.44
N VAL A 305 -23.88 16.68 -17.23
CA VAL A 305 -24.57 15.75 -18.09
C VAL A 305 -24.65 16.32 -19.51
N GLU A 306 -25.02 17.59 -19.61
CA GLU A 306 -25.11 18.25 -20.92
C GLU A 306 -23.75 18.36 -21.63
N THR A 307 -22.73 18.79 -20.89
CA THR A 307 -21.38 18.95 -21.45
C THR A 307 -20.84 17.63 -22.01
N ALA A 308 -21.00 16.57 -21.22
CA ALA A 308 -20.54 15.25 -21.63
C ALA A 308 -21.35 14.76 -22.84
N ARG A 309 -22.65 15.06 -22.84
CA ARG A 309 -23.52 14.64 -23.93
C ARG A 309 -23.09 15.27 -25.24
N GLU A 310 -22.83 16.57 -25.19
CA GLU A 310 -22.33 17.34 -26.33
C GLU A 310 -21.01 16.75 -26.87
N LYS A 311 -20.11 16.40 -25.95
CA LYS A 311 -18.84 15.76 -26.32
C LYS A 311 -19.06 14.42 -27.03
N ARG A 312 -19.94 13.60 -26.46
CA ARG A 312 -20.30 12.32 -27.09
C ARG A 312 -20.91 12.48 -28.47
N ASP A 313 -21.81 13.45 -28.61
CA ASP A 313 -22.48 13.68 -29.89
C ASP A 313 -21.44 14.00 -30.96
N HIS A 314 -20.51 14.90 -30.61
CA HIS A 314 -19.46 15.29 -31.53
C HIS A 314 -18.60 14.10 -31.92
N TYR A 315 -18.12 13.39 -30.91
CA TYR A 315 -17.29 12.18 -31.10
C TYR A 315 -17.98 11.20 -32.04
N PHE A 316 -19.26 10.93 -31.80
CA PHE A 316 -19.97 9.94 -32.59
C PHE A 316 -20.25 10.45 -34.01
N LYS A 317 -20.54 11.75 -34.15
CA LYS A 317 -20.76 12.33 -35.47
C LYS A 317 -19.48 12.27 -36.31
N ARG A 318 -18.34 12.57 -35.68
CA ARG A 318 -17.03 12.42 -36.34
C ARG A 318 -16.78 10.97 -36.76
N PHE A 319 -17.06 10.04 -35.87
CA PHE A 319 -16.89 8.62 -36.16
C PHE A 319 -17.68 8.25 -37.43
N GLN A 320 -18.94 8.68 -37.51
CA GLN A 320 -19.76 8.35 -38.67
C GLN A 320 -19.22 9.02 -39.95
N SER A 321 -18.75 10.26 -39.81
CA SER A 321 -18.26 11.01 -40.97
C SER A 321 -16.99 10.39 -41.55
N PHE A 322 -16.28 9.61 -40.74
CA PHE A 322 -15.07 8.95 -41.20
C PHE A 322 -15.28 7.46 -41.49
N GLY A 323 -16.50 7.09 -41.87
CA GLY A 323 -16.77 5.75 -42.32
C GLY A 323 -17.28 4.79 -41.26
N GLY A 324 -17.27 5.20 -39.99
CA GLY A 324 -17.79 4.36 -38.94
C GLY A 324 -17.03 3.05 -38.77
N ILE A 325 -15.71 3.11 -38.96
CA ILE A 325 -14.87 1.93 -38.87
C ILE A 325 -14.07 1.83 -37.55
N VAL A 326 -13.71 0.60 -37.20
CA VAL A 326 -12.82 0.34 -36.09
C VAL A 326 -11.44 0.93 -36.32
N GLY A 327 -10.79 1.42 -35.26
CA GLY A 327 -9.41 1.86 -35.35
C GLY A 327 -9.18 3.33 -35.61
N LEU A 328 -10.26 4.12 -35.60
CA LEU A 328 -10.07 5.57 -35.74
C LEU A 328 -9.41 6.12 -34.49
N SER A 329 -8.71 7.23 -34.63
CA SER A 329 -8.03 7.85 -33.49
C SER A 329 -8.93 8.83 -32.73
N GLU A 330 -8.85 8.75 -31.40
CA GLU A 330 -9.54 9.68 -30.52
C GLU A 330 -9.12 11.13 -30.76
N VAL A 331 -7.89 11.31 -31.25
CA VAL A 331 -7.41 12.66 -31.57
C VAL A 331 -8.23 13.24 -32.72
N ASP A 332 -8.59 12.38 -33.66
CA ASP A 332 -9.45 12.79 -34.77
C ASP A 332 -10.90 12.89 -34.33
N LEU A 333 -11.37 11.93 -33.53
CA LEU A 333 -12.78 11.89 -33.15
C LEU A 333 -13.17 13.07 -32.26
N ARG A 334 -12.24 13.49 -31.41
CA ARG A 334 -12.48 14.59 -30.48
C ARG A 334 -12.03 15.93 -31.04
N GLY A 335 -11.40 15.92 -32.22
CA GLY A 335 -10.95 17.15 -32.86
C GLY A 335 -11.94 17.72 -33.86
N THR A 336 -11.52 18.77 -34.58
CA THR A 336 -12.37 19.41 -35.58
C THR A 336 -11.68 19.56 -36.93
N HIS A 337 -10.41 19.18 -37.03
CA HIS A 337 -9.70 19.23 -38.30
C HIS A 337 -10.44 18.40 -39.34
N GLU A 338 -10.40 18.84 -40.59
CA GLU A 338 -11.14 18.17 -41.64
C GLU A 338 -10.51 16.86 -42.11
N LYS A 339 -9.19 16.83 -42.22
CA LYS A 339 -8.46 15.63 -42.64
C LYS A 339 -7.97 14.84 -41.44
N LEU A 340 -7.97 13.50 -41.54
CA LEU A 340 -7.54 12.65 -40.42
C LEU A 340 -6.05 12.77 -40.13
N LEU A 341 -5.71 12.87 -38.85
CA LEU A 341 -4.33 12.81 -38.41
C LEU A 341 -3.82 11.37 -38.46
N TYR A 342 -4.69 10.43 -38.12
CA TYR A 342 -4.36 9.01 -38.11
C TYR A 342 -5.30 8.17 -38.97
N PRO A 343 -5.16 8.25 -40.30
CA PRO A 343 -6.00 7.41 -41.16
C PRO A 343 -5.72 5.94 -40.90
N VAL A 344 -6.75 5.11 -41.05
CA VAL A 344 -6.66 3.70 -40.70
C VAL A 344 -6.19 2.85 -41.87
N LYS A 345 -5.29 1.90 -41.58
CA LYS A 345 -5.14 0.58 -42.26
C LYS A 345 -3.75 -0.02 -42.09
N LYS B 16 -14.90 -25.30 23.62
CA LYS B 16 -14.60 -26.71 23.42
C LYS B 16 -13.13 -27.00 23.65
N ASN B 17 -12.33 -26.91 22.59
CA ASN B 17 -10.89 -27.08 22.68
C ASN B 17 -10.20 -25.79 23.11
N LEU B 18 -10.95 -24.89 23.74
CA LEU B 18 -10.39 -23.59 24.12
C LEU B 18 -9.44 -23.73 25.30
N ILE B 19 -8.37 -22.96 25.25
CA ILE B 19 -7.38 -22.95 26.31
C ILE B 19 -7.37 -21.57 26.91
N ASN B 20 -7.63 -21.46 28.21
CA ASN B 20 -7.63 -20.15 28.85
C ASN B 20 -6.21 -19.74 29.21
N ILE B 21 -5.83 -18.56 28.75
CA ILE B 21 -4.46 -18.08 28.92
C ILE B 21 -4.48 -16.59 29.20
N ASP B 22 -3.63 -16.12 30.10
CA ASP B 22 -3.60 -14.69 30.39
C ASP B 22 -2.18 -14.10 30.49
N LYS B 23 -1.19 -14.87 30.07
CA LYS B 23 0.22 -14.47 30.18
C LYS B 23 0.93 -14.91 28.92
N PRO B 24 2.08 -14.29 28.60
CA PRO B 24 2.82 -14.75 27.42
C PRO B 24 3.29 -16.18 27.56
N ILE B 25 3.48 -16.85 26.44
CA ILE B 25 3.99 -18.21 26.42
C ILE B 25 5.51 -18.11 26.40
N LYS B 26 6.15 -18.64 27.44
CA LYS B 26 7.56 -18.34 27.67
C LYS B 26 8.51 -18.98 26.70
N GLU B 27 8.22 -20.20 26.25
CA GLU B 27 9.12 -20.92 25.36
C GLU B 27 8.45 -21.42 24.08
N LEU B 28 9.25 -21.51 23.02
CA LEU B 28 8.80 -22.17 21.80
C LEU B 28 8.59 -23.64 22.15
N PRO B 29 7.40 -24.17 21.84
CA PRO B 29 7.16 -25.61 22.09
C PRO B 29 7.98 -26.47 21.15
N ALA B 30 8.23 -27.70 21.58
CA ALA B 30 9.04 -28.62 20.80
C ALA B 30 8.37 -29.00 19.48
N SER B 31 7.08 -28.75 19.38
CA SER B 31 6.33 -29.11 18.17
C SER B 31 6.57 -28.17 17.00
N ILE B 32 7.24 -27.05 17.25
CA ILE B 32 7.58 -26.11 16.17
C ILE B 32 9.08 -26.13 15.90
N ALA B 33 9.46 -26.56 14.70
CA ALA B 33 10.87 -26.67 14.37
C ALA B 33 11.46 -25.30 14.06
N ILE B 34 12.74 -25.14 14.35
CA ILE B 34 13.46 -23.94 13.99
C ILE B 34 13.91 -24.06 12.54
N PRO B 35 13.56 -23.08 11.70
CA PRO B 35 13.95 -23.15 10.28
C PRO B 35 15.48 -23.16 10.09
N LYS B 36 15.96 -23.95 9.14
CA LYS B 36 17.39 -24.03 8.89
C LYS B 36 17.92 -22.75 8.26
N GLU B 37 19.15 -22.38 8.62
CA GLU B 37 19.77 -21.18 8.10
C GLU B 37 20.50 -21.50 6.80
N LYS B 38 20.22 -20.74 5.74
CA LYS B 38 20.89 -20.94 4.47
C LYS B 38 22.35 -20.50 4.58
N PRO B 39 23.28 -21.35 4.13
CA PRO B 39 24.71 -21.05 4.24
C PRO B 39 25.10 -19.80 3.45
N LEU B 40 26.21 -19.19 3.86
CA LEU B 40 26.72 -18.02 3.19
C LEU B 40 27.66 -18.47 2.06
N THR B 41 27.66 -17.73 0.96
CA THR B 41 28.65 -17.96 -0.08
C THR B 41 30.02 -17.50 0.39
N GLY B 42 31.06 -17.87 -0.34
CA GLY B 42 32.41 -17.51 0.05
C GLY B 42 32.54 -16.01 0.07
N GLU B 43 31.88 -15.35 -0.86
CA GLU B 43 31.94 -13.89 -0.97
C GLU B 43 31.21 -13.19 0.19
N GLN B 44 30.03 -13.69 0.53
CA GLN B 44 29.29 -13.21 1.69
C GLN B 44 30.07 -13.40 2.98
N GLN B 45 30.78 -14.52 3.08
CA GLN B 45 31.61 -14.79 4.24
C GLN B 45 32.71 -13.76 4.38
N LYS B 46 33.41 -13.49 3.27
CA LYS B 46 34.47 -12.49 3.31
C LYS B 46 33.93 -11.13 3.76
N MSE B 47 32.76 -10.75 3.26
CA MSE B 47 32.26 -9.45 3.70
C MSE B 47 31.69 -9.47 5.09
O MSE B 47 31.74 -8.46 5.79
CB MSE B 47 31.28 -8.81 2.71
CG MSE B 47 29.92 -9.42 2.59
SE MSE B 47 29.12 -8.33 1.12
CE MSE B 47 29.63 -9.58 -0.34
N TYR B 48 31.17 -10.62 5.54
CA TYR B 48 30.79 -10.76 6.95
C TYR B 48 32.03 -10.54 7.82
N ASP B 49 33.15 -11.17 7.44
CA ASP B 49 34.38 -11.05 8.20
C ASP B 49 34.83 -9.58 8.24
N GLU B 50 34.51 -8.84 7.19
CA GLU B 50 34.88 -7.44 7.18
C GLU B 50 34.08 -6.62 8.21
N VAL B 51 32.77 -6.88 8.30
CA VAL B 51 31.93 -6.23 9.30
C VAL B 51 32.42 -6.59 10.70
N LEU B 52 32.70 -7.86 10.92
CA LEU B 52 33.21 -8.31 12.20
C LEU B 52 34.49 -7.58 12.58
N LYS B 53 35.45 -7.56 11.66
CA LYS B 53 36.70 -6.85 11.90
C LYS B 53 36.45 -5.41 12.32
N HIS B 54 35.58 -4.74 11.58
CA HIS B 54 35.28 -3.33 11.86
C HIS B 54 34.81 -3.12 13.30
N PHE B 55 33.82 -3.90 13.73
CA PHE B 55 33.24 -3.72 15.05
C PHE B 55 34.01 -4.39 16.20
N SER B 56 35.04 -5.17 15.88
CA SER B 56 35.89 -5.80 16.87
C SER B 56 37.09 -4.94 17.20
N ASN B 57 37.24 -3.85 16.45
CA ASN B 57 38.36 -2.95 16.66
C ASN B 57 38.30 -2.33 18.06
N PRO B 58 39.29 -2.63 18.91
CA PRO B 58 39.22 -2.16 20.30
C PRO B 58 39.23 -0.64 20.41
N ASP B 59 39.72 0.05 19.38
CA ASP B 59 39.80 1.50 19.40
C ASP B 59 38.58 2.18 18.79
N LEU B 60 37.64 1.39 18.26
CA LEU B 60 36.48 1.95 17.57
C LEU B 60 35.67 2.87 18.49
N LYS B 61 35.28 4.02 17.96
CA LYS B 61 34.37 4.92 18.66
C LYS B 61 33.20 5.24 17.75
N VAL B 62 32.04 5.45 18.36
CA VAL B 62 30.80 5.55 17.62
C VAL B 62 30.03 6.77 18.14
N TYR B 63 29.21 7.39 17.29
CA TYR B 63 28.40 8.55 17.68
C TYR B 63 27.53 8.27 18.90
N THR B 64 27.28 9.31 19.70
CA THR B 64 26.43 9.20 20.89
C THR B 64 24.97 9.53 20.60
N SER B 65 24.69 9.97 19.38
CA SER B 65 23.34 10.33 18.99
C SER B 65 23.17 10.21 17.49
N GLU B 66 21.94 9.98 17.05
CA GLU B 66 21.60 10.02 15.63
C GLU B 66 21.08 11.42 15.25
N LYS B 67 20.07 11.90 15.96
CA LYS B 67 19.55 13.24 15.62
C LYS B 67 20.57 14.34 15.92
N ASN B 68 21.42 14.13 16.92
CA ASN B 68 22.49 15.09 17.24
C ASN B 68 23.90 14.57 16.99
N LYS B 69 24.02 13.67 16.01
CA LYS B 69 25.29 13.16 15.53
C LYS B 69 26.33 14.28 15.40
N SER B 70 27.53 14.02 15.94
CA SER B 70 28.61 15.00 15.92
C SER B 70 29.94 14.26 15.87
N GLU B 71 30.80 14.66 14.94
CA GLU B 71 32.14 14.06 14.88
C GLU B 71 32.96 14.40 16.15
N ASP B 72 32.45 15.32 16.96
CA ASP B 72 33.15 15.73 18.18
C ASP B 72 32.66 14.99 19.43
N ASP B 73 31.73 14.05 19.24
CA ASP B 73 31.25 13.27 20.37
C ASP B 73 31.12 11.80 20.00
N LEU B 74 32.21 11.06 20.19
CA LEU B 74 32.25 9.64 19.87
C LEU B 74 32.72 8.87 21.10
N LYS B 75 32.08 7.73 21.37
CA LYS B 75 32.41 6.93 22.56
C LYS B 75 32.54 5.46 22.18
N PRO B 76 33.44 4.73 22.87
CA PRO B 76 33.66 3.32 22.52
C PRO B 76 32.44 2.46 22.84
N LEU B 77 32.45 1.21 22.37
CA LEU B 77 31.35 0.30 22.66
C LEU B 77 31.35 -0.11 24.12
N GLU B 78 30.19 -0.03 24.76
CA GLU B 78 30.05 -0.60 26.10
C GLU B 78 29.83 -2.11 26.02
N GLU B 79 30.02 -2.80 27.14
CA GLU B 79 29.83 -4.26 27.20
C GLU B 79 28.48 -4.70 26.60
N GLU B 80 27.41 -4.01 26.99
CA GLU B 80 26.06 -4.34 26.51
C GLU B 80 25.87 -4.11 25.01
N GLU B 81 26.67 -3.19 24.45
CA GLU B 81 26.57 -2.92 23.01
C GLU B 81 27.26 -4.02 22.23
N LYS B 82 28.37 -4.53 22.77
CA LYS B 82 29.05 -5.67 22.18
C LYS B 82 28.13 -6.88 22.14
N ALA B 83 27.34 -7.04 23.21
CA ALA B 83 26.36 -8.12 23.28
C ALA B 83 25.22 -8.01 22.24
N TRP B 84 24.96 -6.79 21.76
CA TRP B 84 23.94 -6.56 20.74
C TRP B 84 24.51 -6.78 19.33
N LEU B 85 25.81 -6.59 19.19
CA LEU B 85 26.52 -6.75 17.92
C LEU B 85 26.89 -8.21 17.72
N THR B 86 25.86 -9.00 17.42
CA THR B 86 26.00 -10.43 17.23
C THR B 86 26.20 -10.79 15.77
N ARG B 87 26.54 -12.05 15.53
CA ARG B 87 26.59 -12.61 14.19
C ARG B 87 25.31 -12.30 13.40
N GLU B 88 24.16 -12.53 14.03
CA GLU B 88 22.89 -12.40 13.34
C GLU B 88 22.51 -10.92 13.12
N CYS B 89 22.95 -10.06 14.03
CA CYS B 89 22.80 -8.61 13.83
C CYS B 89 23.52 -8.18 12.57
N PHE B 90 24.76 -8.61 12.43
CA PHE B 90 25.54 -8.30 11.24
C PHE B 90 24.80 -8.80 10.00
N LEU B 91 24.28 -10.02 10.08
CA LEU B 91 23.60 -10.62 8.95
C LEU B 91 22.28 -9.92 8.59
N ARG B 92 21.54 -9.48 9.59
CA ARG B 92 20.33 -8.71 9.34
C ARG B 92 20.66 -7.46 8.53
N TYR B 93 21.69 -6.74 8.96
CA TYR B 93 22.07 -5.51 8.26
C TYR B 93 22.67 -5.79 6.87
N LEU B 94 23.43 -6.85 6.74
CA LEU B 94 24.03 -7.20 5.45
C LEU B 94 22.94 -7.53 4.43
N ARG B 95 21.96 -8.34 4.84
CA ARG B 95 20.80 -8.63 4.00
C ARG B 95 19.99 -7.38 3.67
N ALA B 96 19.72 -6.55 4.67
CA ALA B 96 18.92 -5.34 4.42
C ALA B 96 19.61 -4.35 3.48
N THR B 97 20.93 -4.31 3.51
CA THR B 97 21.68 -3.41 2.65
C THR B 97 22.11 -4.05 1.33
N LYS B 98 21.58 -5.22 1.04
CA LYS B 98 21.82 -5.91 -0.23
C LYS B 98 23.30 -6.23 -0.38
N TRP B 99 23.92 -6.59 0.74
CA TRP B 99 25.34 -6.92 0.80
C TRP B 99 26.24 -5.82 0.23
N VAL B 100 25.95 -4.58 0.59
CA VAL B 100 26.86 -3.46 0.32
C VAL B 100 27.56 -3.05 1.63
N LEU B 101 28.84 -3.40 1.73
CA LEU B 101 29.61 -3.26 2.97
C LEU B 101 29.55 -1.87 3.60
N LYS B 102 29.74 -0.83 2.80
CA LYS B 102 29.79 0.51 3.37
C LYS B 102 28.42 0.88 3.96
N ASP B 103 27.35 0.52 3.26
CA ASP B 103 26.01 0.81 3.73
C ASP B 103 25.70 0.01 5.00
N CYS B 104 26.09 -1.26 5.00
CA CYS B 104 25.97 -2.10 6.19
C CYS B 104 26.65 -1.48 7.41
N ILE B 105 27.93 -1.10 7.27
CA ILE B 105 28.65 -0.57 8.42
C ILE B 105 28.03 0.76 8.87
N ASP B 106 27.67 1.59 7.91
CA ASP B 106 27.05 2.88 8.22
C ASP B 106 25.74 2.70 8.96
N ARG B 107 24.89 1.79 8.47
CA ARG B 107 23.59 1.53 9.08
C ARG B 107 23.72 0.97 10.52
N ILE B 108 24.63 0.04 10.74
CA ILE B 108 24.81 -0.52 12.07
C ILE B 108 25.24 0.59 13.01
N THR B 109 26.16 1.42 12.52
CA THR B 109 26.69 2.54 13.29
C THR B 109 25.58 3.49 13.71
N MSE B 110 24.74 3.92 12.78
CA MSE B 110 23.65 4.85 13.12
C MSE B 110 22.59 4.22 14.06
O MSE B 110 21.99 4.92 14.85
CB MSE B 110 22.99 5.47 11.88
CG MSE B 110 22.34 4.43 10.98
SE MSE B 110 21.54 5.02 9.25
CE MSE B 110 23.14 5.09 8.09
N THR B 111 22.37 2.91 13.96
CA THR B 111 21.46 2.29 14.93
C THR B 111 22.06 2.29 16.34
N LEU B 112 23.36 2.01 16.46
CA LEU B 112 24.03 2.13 17.76
C LEU B 112 23.84 3.53 18.36
N ALA B 113 24.02 4.54 17.50
CA ALA B 113 23.84 5.93 17.91
C ALA B 113 22.40 6.18 18.35
N TRP B 114 21.43 5.69 17.56
CA TRP B 114 20.04 5.94 17.86
C TRP B 114 19.63 5.23 19.16
N ARG B 115 20.11 4.01 19.34
CA ARG B 115 19.80 3.26 20.55
C ARG B 115 20.30 4.01 21.78
N ARG B 116 21.45 4.67 21.64
CA ARG B 116 22.00 5.51 22.72
C ARG B 116 21.10 6.72 23.03
N GLU B 117 20.81 7.49 21.98
CA GLU B 117 19.92 8.65 22.02
C GLU B 117 18.54 8.31 22.60
N PHE B 118 17.97 7.18 22.21
CA PHE B 118 16.59 6.85 22.53
C PHE B 118 16.42 6.30 23.95
N GLY B 119 17.50 5.78 24.52
CA GLY B 119 17.49 5.25 25.88
C GLY B 119 17.40 3.74 25.96
N ILE B 120 17.87 3.03 24.95
CA ILE B 120 17.82 1.55 24.96
C ILE B 120 19.16 0.89 24.64
N SER B 121 20.27 1.59 24.90
CA SER B 121 21.58 1.07 24.49
C SER B 121 22.18 0.07 25.47
N HIS B 122 21.48 -0.20 26.57
CA HIS B 122 22.07 -0.98 27.65
C HIS B 122 21.46 -2.38 27.83
N LEU B 123 20.64 -2.82 26.87
CA LEU B 123 19.98 -4.12 26.99
C LEU B 123 19.24 -4.29 28.32
N GLY B 124 18.51 -3.26 28.73
CA GLY B 124 17.59 -3.41 29.83
C GLY B 124 17.69 -2.26 30.80
N GLU B 125 16.57 -1.94 31.44
CA GLU B 125 16.61 -0.96 32.52
C GLU B 125 17.56 -1.37 33.66
N GLU B 126 17.77 -2.67 33.81
CA GLU B 126 18.68 -3.20 34.84
C GLU B 126 20.14 -2.85 34.57
N HIS B 127 20.43 -2.40 33.35
CA HIS B 127 21.79 -1.94 33.03
C HIS B 127 21.80 -0.42 32.77
N GLY B 128 20.70 0.26 33.07
CA GLY B 128 20.66 1.71 32.97
C GLY B 128 19.81 2.31 31.86
N ASP B 129 19.02 1.51 31.15
CA ASP B 129 18.14 2.04 30.10
C ASP B 129 17.17 3.09 30.66
N LYS B 130 17.05 4.20 29.95
CA LYS B 130 16.09 5.23 30.32
C LYS B 130 14.67 4.73 30.03
N ILE B 131 14.54 3.90 28.99
CA ILE B 131 13.24 3.35 28.67
C ILE B 131 12.93 2.15 29.58
N THR B 132 12.02 2.35 30.52
CA THR B 132 11.74 1.32 31.52
C THR B 132 10.33 0.80 31.36
N ALA B 133 10.08 -0.36 31.94
CA ALA B 133 8.73 -0.91 31.94
C ALA B 133 7.74 0.06 32.61
N ASP B 134 8.14 0.70 33.70
N ASP B 134 8.15 0.68 33.71
CA ASP B 134 7.23 1.59 34.40
CA ASP B 134 7.29 1.63 34.44
C ASP B 134 6.87 2.82 33.56
C ASP B 134 6.88 2.79 33.54
N LEU B 135 7.84 3.33 32.82
CA LEU B 135 7.62 4.47 31.94
C LEU B 135 6.51 4.20 30.92
N VAL B 136 6.49 2.99 30.34
CA VAL B 136 5.59 2.75 29.23
C VAL B 136 4.38 1.89 29.58
N ALA B 137 4.33 1.37 30.81
CA ALA B 137 3.28 0.40 31.18
C ALA B 137 1.86 0.91 30.93
N VAL B 138 1.60 2.17 31.25
CA VAL B 138 0.25 2.74 31.11
C VAL B 138 -0.23 2.67 29.65
N GLU B 139 0.70 2.74 28.72
CA GLU B 139 0.38 2.62 27.29
C GLU B 139 -0.20 1.26 26.94
N ASN B 140 0.05 0.26 27.77
CA ASN B 140 -0.44 -1.09 27.50
C ASN B 140 -1.68 -1.48 28.31
N GLU B 141 -2.20 -0.56 29.11
CA GLU B 141 -3.28 -0.90 30.04
C GLU B 141 -4.54 -1.45 29.39
N SER B 142 -4.79 -1.08 28.14
CA SER B 142 -5.96 -1.59 27.41
C SER B 142 -5.61 -2.75 26.48
N GLY B 143 -4.38 -3.22 26.55
CA GLY B 143 -3.94 -4.36 25.76
C GLY B 143 -3.92 -4.12 24.26
N LYS B 144 -3.50 -2.93 23.85
CA LYS B 144 -3.51 -2.59 22.42
C LYS B 144 -2.33 -3.24 21.74
N GLN B 145 -1.41 -3.75 22.55
CA GLN B 145 -0.33 -4.55 22.01
C GLN B 145 -0.11 -5.76 22.91
N VAL B 146 -0.01 -6.94 22.29
CA VAL B 146 0.15 -8.18 23.05
C VAL B 146 1.19 -9.11 22.44
N ILE B 147 2.12 -9.59 23.27
CA ILE B 147 3.10 -10.57 22.82
C ILE B 147 2.59 -11.93 23.28
N LEU B 148 2.35 -12.86 22.35
CA LEU B 148 1.69 -14.12 22.68
C LEU B 148 1.78 -15.14 21.57
N GLY B 149 2.46 -16.27 21.84
CA GLY B 149 2.51 -17.36 20.90
C GLY B 149 3.63 -17.27 19.87
N TYR B 150 3.78 -18.35 19.11
CA TYR B 150 4.77 -18.43 18.05
C TYR B 150 4.08 -19.02 16.82
N GLU B 151 4.53 -18.62 15.63
CA GLU B 151 3.91 -19.03 14.39
C GLU B 151 4.61 -20.24 13.77
N ASN B 152 4.18 -20.63 12.57
CA ASN B 152 4.68 -21.86 11.93
C ASN B 152 6.19 -21.94 11.77
N ASP B 153 6.83 -20.78 11.63
CA ASP B 153 8.27 -20.70 11.40
C ASP B 153 9.02 -20.30 12.69
N ALA B 154 8.36 -20.50 13.83
CA ALA B 154 8.92 -20.17 15.15
C ALA B 154 9.13 -18.69 15.43
N ARG B 155 8.45 -17.82 14.68
CA ARG B 155 8.50 -16.39 14.93
C ARG B 155 7.62 -16.09 16.13
N PRO B 156 8.11 -15.25 17.07
CA PRO B 156 7.21 -14.83 18.15
C PRO B 156 6.15 -13.87 17.60
N ILE B 157 4.95 -13.89 18.16
CA ILE B 157 3.84 -13.09 17.66
C ILE B 157 3.59 -11.85 18.50
N LEU B 158 3.52 -10.71 17.82
CA LEU B 158 3.11 -9.47 18.42
C LEU B 158 1.79 -9.06 17.77
N TYR B 159 0.75 -8.97 18.60
CA TYR B 159 -0.55 -8.44 18.16
C TYR B 159 -0.57 -6.93 18.26
N LEU B 160 -1.05 -6.27 17.21
CA LEU B 160 -1.28 -4.83 17.24
C LEU B 160 -2.77 -4.59 17.07
N LYS B 161 -3.38 -3.87 18.01
CA LYS B 161 -4.82 -3.62 18.00
C LYS B 161 -5.10 -2.13 18.12
N PRO B 162 -4.86 -1.39 17.02
CA PRO B 162 -4.97 0.07 17.00
C PRO B 162 -6.35 0.57 17.47
N GLY B 163 -7.37 -0.28 17.33
CA GLY B 163 -8.70 0.04 17.81
C GLY B 163 -8.83 0.02 19.33
N ARG B 164 -7.77 -0.38 20.03
CA ARG B 164 -7.78 -0.37 21.50
C ARG B 164 -6.94 0.77 22.08
N GLN B 165 -6.72 1.81 21.28
CA GLN B 165 -5.93 2.96 21.70
C GLN B 165 -6.49 3.60 22.97
N ASN B 166 -5.64 3.78 23.96
CA ASN B 166 -6.06 4.28 25.26
C ASN B 166 -5.36 5.58 25.67
N THR B 167 -4.48 6.10 24.83
CA THR B 167 -3.74 7.31 25.23
C THR B 167 -3.70 8.34 24.12
N LYS B 168 -3.42 9.58 24.52
CA LYS B 168 -3.23 10.70 23.61
C LYS B 168 -1.94 10.54 22.83
N THR B 169 -1.86 11.18 21.68
CA THR B 169 -0.65 11.17 20.87
C THR B 169 0.48 11.77 21.69
N SER B 170 1.62 11.09 21.72
CA SER B 170 2.77 11.58 22.46
C SER B 170 4.01 10.79 22.10
N HIS B 171 5.17 11.31 22.50
CA HIS B 171 6.42 10.60 22.32
C HIS B 171 6.46 9.29 23.15
N ARG B 172 5.70 9.25 24.23
CA ARG B 172 5.62 8.04 25.05
C ARG B 172 5.02 6.86 24.29
N GLN B 173 4.14 7.15 23.34
CA GLN B 173 3.59 6.08 22.51
C GLN B 173 4.66 5.44 21.64
N VAL B 174 5.59 6.27 21.15
CA VAL B 174 6.74 5.79 20.39
C VAL B 174 7.64 4.92 21.29
N GLN B 175 7.88 5.40 22.50
CA GLN B 175 8.70 4.66 23.45
C GLN B 175 8.08 3.32 23.77
N HIS B 176 6.76 3.28 23.89
CA HIS B 176 6.04 2.06 24.19
C HIS B 176 6.21 1.07 23.05
N LEU B 177 5.95 1.54 21.82
CA LEU B 177 6.19 0.74 20.60
C LEU B 177 7.59 0.12 20.54
N VAL B 178 8.60 0.93 20.81
CA VAL B 178 9.96 0.43 20.76
C VAL B 178 10.20 -0.60 21.88
N PHE B 179 9.66 -0.29 23.06
CA PHE B 179 9.80 -1.22 24.19
C PHE B 179 9.24 -2.60 23.84
N MSE B 180 8.02 -2.64 23.31
CA MSE B 180 7.46 -3.94 22.96
C MSE B 180 8.20 -4.67 21.80
O MSE B 180 8.27 -5.90 21.79
CB MSE B 180 6.02 -3.78 22.53
CG MSE B 180 6.06 -3.06 21.27
SE MSE B 180 4.38 -2.61 20.70
CE MSE B 180 4.12 -1.33 22.06
N LEU B 181 8.71 -3.94 20.80
CA LEU B 181 9.53 -4.56 19.75
C LEU B 181 10.73 -5.19 20.39
N GLU B 182 11.36 -4.45 21.31
CA GLU B 182 12.51 -4.96 22.04
C GLU B 182 12.14 -6.19 22.89
N ARG B 183 10.97 -6.19 23.50
CA ARG B 183 10.50 -7.37 24.23
C ARG B 183 10.19 -8.55 23.33
N VAL B 184 9.54 -8.32 22.19
CA VAL B 184 9.25 -9.46 21.33
C VAL B 184 10.56 -10.08 20.83
N ILE B 185 11.56 -9.23 20.63
CA ILE B 185 12.91 -9.66 20.30
C ILE B 185 13.51 -10.49 21.44
N ASP B 186 13.30 -10.07 22.68
CA ASP B 186 13.71 -10.91 23.80
C ASP B 186 13.10 -12.32 23.74
N PHE B 187 11.90 -12.42 23.19
CA PHE B 187 11.17 -13.69 23.09
C PHE B 187 11.58 -14.57 21.89
N MSE B 188 12.57 -14.16 21.12
CA MSE B 188 12.92 -15.01 19.97
C MSE B 188 13.50 -16.32 20.49
O MSE B 188 14.28 -16.35 21.46
CB MSE B 188 13.92 -14.39 19.04
CG MSE B 188 15.22 -14.30 19.66
SE MSE B 188 16.44 -13.39 18.50
CE MSE B 188 15.71 -11.65 18.90
N PRO B 189 13.09 -17.44 19.86
CA PRO B 189 13.74 -18.72 20.12
C PRO B 189 15.12 -18.71 19.51
N ALA B 190 16.05 -19.45 20.11
CA ALA B 190 17.39 -19.55 19.56
C ALA B 190 17.30 -20.17 18.17
N GLY B 191 17.79 -19.45 17.17
CA GLY B 191 17.69 -19.93 15.81
C GLY B 191 16.71 -19.13 14.96
N GLN B 192 16.04 -18.15 15.55
CA GLN B 192 15.10 -17.31 14.83
C GLN B 192 15.27 -15.86 15.25
N ASP B 193 15.18 -14.92 14.31
CA ASP B 193 15.40 -13.51 14.61
C ASP B 193 14.40 -12.56 13.95
N SER B 194 13.35 -13.11 13.34
CA SER B 194 12.25 -12.29 12.80
C SER B 194 10.99 -12.56 13.61
N LEU B 195 10.06 -11.62 13.56
CA LEU B 195 8.81 -11.74 14.29
C LEU B 195 7.66 -11.79 13.31
N ALA B 196 6.48 -12.14 13.82
CA ALA B 196 5.26 -12.05 13.04
C ALA B 196 4.38 -11.02 13.71
N LEU B 197 3.81 -10.13 12.92
CA LEU B 197 2.86 -9.15 13.39
C LEU B 197 1.48 -9.61 13.01
N LEU B 198 0.55 -9.48 13.94
N LEU B 198 0.55 -9.53 13.96
CA LEU B 198 -0.85 -9.77 13.68
CA LEU B 198 -0.86 -9.76 13.66
C LEU B 198 -1.63 -8.49 13.99
C LEU B 198 -1.57 -8.46 13.97
N ILE B 199 -2.15 -7.85 12.94
CA ILE B 199 -2.74 -6.54 13.10
C ILE B 199 -4.25 -6.60 12.89
N ASP B 200 -5.00 -6.24 13.92
CA ASP B 200 -6.45 -6.26 13.90
C ASP B 200 -6.92 -4.82 13.88
N PHE B 201 -7.58 -4.42 12.79
CA PHE B 201 -7.98 -3.02 12.61
C PHE B 201 -9.38 -2.69 13.14
N LYS B 202 -10.05 -3.67 13.76
CA LYS B 202 -11.39 -3.45 14.29
C LYS B 202 -11.42 -2.35 15.35
N ASP B 203 -12.47 -1.55 15.37
CA ASP B 203 -12.62 -0.57 16.43
C ASP B 203 -13.21 -1.27 17.66
N TYR B 204 -12.66 -1.00 18.83
CA TYR B 204 -13.18 -1.56 20.06
C TYR B 204 -13.76 -0.44 20.91
N PRO B 205 -15.10 -0.29 20.85
CA PRO B 205 -15.81 0.81 21.51
C PRO B 205 -15.66 0.74 23.03
N ASP B 206 -15.60 -0.47 23.57
CA ASP B 206 -15.54 -0.66 25.02
C ASP B 206 -14.17 -0.33 25.60
N VAL B 207 -13.24 0.09 24.74
CA VAL B 207 -12.06 0.79 25.21
C VAL B 207 -12.37 2.27 25.07
N PRO B 208 -12.45 2.98 26.21
CA PRO B 208 -12.82 4.39 26.24
C PRO B 208 -11.98 5.24 25.28
N LYS B 209 -12.66 5.90 24.36
CA LYS B 209 -12.05 6.88 23.47
C LYS B 209 -11.38 7.91 24.37
N VAL B 210 -10.20 8.37 23.99
CA VAL B 210 -9.47 9.32 24.83
C VAL B 210 -10.00 10.75 24.71
N VAL B 221 5.12 12.45 15.32
CA VAL B 221 5.06 11.13 15.92
C VAL B 221 5.00 10.05 14.84
N GLY B 222 4.13 10.25 13.85
CA GLY B 222 4.03 9.31 12.75
C GLY B 222 5.35 9.24 12.01
N LYS B 223 5.97 10.39 11.83
CA LYS B 223 7.26 10.47 11.17
C LYS B 223 8.36 9.82 12.01
N GLU B 224 8.30 9.97 13.33
CA GLU B 224 9.33 9.35 14.15
C GLU B 224 9.23 7.84 14.10
N VAL B 225 8.00 7.32 14.20
CA VAL B 225 7.79 5.87 14.16
C VAL B 225 8.26 5.29 12.84
N LEU B 226 7.93 5.96 11.74
CA LEU B 226 8.37 5.54 10.42
C LEU B 226 9.89 5.46 10.31
N HIS B 227 10.57 6.50 10.78
CA HIS B 227 12.02 6.53 10.69
C HIS B 227 12.59 5.35 11.47
N ILE B 228 12.06 5.08 12.66
CA ILE B 228 12.57 3.99 13.48
C ILE B 228 12.37 2.65 12.77
N LEU B 229 11.15 2.42 12.32
CA LEU B 229 10.83 1.14 11.67
C LEU B 229 11.61 0.92 10.39
N GLN B 230 11.90 1.99 9.64
CA GLN B 230 12.57 1.83 8.35
C GLN B 230 14.09 1.85 8.47
N THR B 231 14.60 2.29 9.60
CA THR B 231 16.04 2.49 9.71
C THR B 231 16.70 1.54 10.72
N HIS B 232 16.00 1.25 11.83
CA HIS B 232 16.68 0.62 12.96
C HIS B 232 16.23 -0.80 13.34
N TYR B 233 15.35 -1.39 12.52
CA TYR B 233 14.91 -2.78 12.73
C TYR B 233 14.92 -3.62 11.44
N PRO B 234 16.08 -3.65 10.74
CA PRO B 234 16.16 -4.38 9.47
C PRO B 234 15.91 -5.86 9.65
N GLU B 235 15.15 -6.43 8.72
CA GLU B 235 14.96 -7.88 8.63
C GLU B 235 14.24 -8.49 9.82
N ARG B 236 13.42 -7.70 10.50
CA ARG B 236 12.66 -8.19 11.64
C ARG B 236 11.25 -8.63 11.25
N LEU B 237 10.74 -8.12 10.13
CA LEU B 237 9.35 -8.41 9.78
C LEU B 237 9.29 -9.70 8.99
N GLY B 238 8.94 -10.78 9.66
CA GLY B 238 8.87 -12.08 9.01
C GLY B 238 7.53 -12.28 8.30
N LYS B 239 6.45 -11.87 8.96
CA LYS B 239 5.10 -12.01 8.44
C LYS B 239 4.21 -10.95 9.06
N ALA B 240 3.34 -10.37 8.24
CA ALA B 240 2.34 -9.47 8.75
C ALA B 240 0.95 -9.99 8.39
N LEU B 241 0.22 -10.44 9.40
CA LEU B 241 -1.11 -11.00 9.20
C LEU B 241 -2.13 -9.92 9.51
N LEU B 242 -2.94 -9.56 8.50
CA LEU B 242 -3.87 -8.44 8.63
C LEU B 242 -5.31 -8.92 8.66
N THR B 243 -6.13 -8.32 9.51
CA THR B 243 -7.51 -8.74 9.61
C THR B 243 -8.41 -7.57 9.98
N ASN B 244 -9.70 -7.70 9.69
CA ASN B 244 -10.67 -6.63 9.91
C ASN B 244 -10.30 -5.33 9.21
N ILE B 245 -9.81 -5.43 7.98
CA ILE B 245 -9.42 -4.24 7.23
C ILE B 245 -10.69 -3.53 6.74
N PRO B 246 -10.76 -2.21 6.95
CA PRO B 246 -11.85 -1.36 6.43
C PRO B 246 -11.90 -1.48 4.91
N TRP B 247 -13.11 -1.60 4.36
CA TRP B 247 -13.25 -1.96 2.94
C TRP B 247 -12.53 -0.97 2.00
N LEU B 248 -12.56 0.32 2.34
CA LEU B 248 -11.90 1.30 1.50
C LEU B 248 -10.38 1.13 1.51
N ALA B 249 -9.79 1.00 2.69
CA ALA B 249 -8.35 0.74 2.76
C ALA B 249 -8.02 -0.58 2.07
N TRP B 250 -8.91 -1.55 2.22
CA TRP B 250 -8.76 -2.86 1.60
C TRP B 250 -8.69 -2.72 0.09
N THR B 251 -9.60 -1.91 -0.45
CA THR B 251 -9.63 -1.66 -1.88
C THR B 251 -8.32 -1.05 -2.36
N PHE B 252 -7.80 -0.07 -1.62
CA PHE B 252 -6.50 0.51 -1.98
C PHE B 252 -5.35 -0.48 -1.82
N LEU B 253 -5.38 -1.29 -0.77
CA LEU B 253 -4.42 -2.37 -0.63
C LEU B 253 -4.45 -3.29 -1.85
N LYS B 254 -5.66 -3.72 -2.23
CA LYS B 254 -5.78 -4.65 -3.37
C LYS B 254 -5.32 -4.02 -4.69
N LEU B 255 -5.62 -2.74 -4.87
CA LEU B 255 -5.19 -2.00 -6.05
C LEU B 255 -3.67 -1.85 -6.14
N ILE B 256 -3.00 -1.63 -5.01
CA ILE B 256 -1.54 -1.47 -5.06
C ILE B 256 -0.79 -2.82 -5.05
N HIS B 257 -1.40 -3.83 -4.45
CA HIS B 257 -0.81 -5.18 -4.34
C HIS B 257 -0.05 -5.74 -5.55
N PRO B 258 -0.61 -5.65 -6.77
CA PRO B 258 0.11 -6.24 -7.91
C PRO B 258 1.46 -5.56 -8.17
N PHE B 259 1.67 -4.39 -7.58
CA PHE B 259 2.85 -3.60 -7.89
C PHE B 259 3.87 -3.59 -6.76
N ILE B 260 3.61 -4.38 -5.71
CA ILE B 260 4.54 -4.54 -4.60
C ILE B 260 5.53 -5.64 -4.97
N ASP B 261 6.81 -5.43 -4.68
CA ASP B 261 7.82 -6.43 -5.07
C ASP B 261 7.49 -7.77 -4.42
N PRO B 262 7.74 -8.86 -5.14
CA PRO B 262 7.36 -10.22 -4.69
C PRO B 262 7.84 -10.59 -3.27
N LEU B 263 9.06 -10.20 -2.92
CA LEU B 263 9.61 -10.52 -1.60
C LEU B 263 8.76 -9.94 -0.45
N THR B 264 8.40 -8.67 -0.58
CA THR B 264 7.59 -7.97 0.41
C THR B 264 6.15 -8.43 0.33
N ARG B 265 5.68 -8.67 -0.89
N ARG B 265 5.68 -8.69 -0.89
CA ARG B 265 4.35 -9.21 -1.13
CA ARG B 265 4.33 -9.18 -1.12
C ARG B 265 4.10 -10.44 -0.29
C ARG B 265 4.07 -10.47 -0.34
N GLU B 266 5.06 -11.36 -0.33
CA GLU B 266 5.00 -12.65 0.36
C GLU B 266 4.81 -12.53 1.88
N LYS B 267 5.31 -11.43 2.45
CA LYS B 267 5.21 -11.26 3.90
C LYS B 267 3.80 -10.92 4.37
N LEU B 268 2.99 -10.38 3.46
CA LEU B 268 1.67 -9.89 3.81
C LEU B 268 0.62 -10.97 3.62
N VAL B 269 -0.17 -11.19 4.66
CA VAL B 269 -1.25 -12.16 4.60
C VAL B 269 -2.57 -11.47 4.93
N PHE B 270 -3.53 -11.58 4.03
CA PHE B 270 -4.87 -11.07 4.29
C PHE B 270 -5.88 -11.94 3.53
N ASP B 271 -7.12 -11.94 4.00
CA ASP B 271 -8.19 -12.75 3.41
C ASP B 271 -7.81 -14.23 3.32
N GLU B 272 -7.04 -14.68 4.32
CA GLU B 272 -6.64 -16.08 4.46
C GLU B 272 -6.84 -16.48 5.92
N PRO B 273 -7.21 -17.75 6.18
CA PRO B 273 -7.29 -18.26 7.56
C PRO B 273 -5.93 -18.18 8.25
N PHE B 274 -5.85 -17.55 9.41
CA PHE B 274 -4.59 -17.43 10.12
C PHE B 274 -4.01 -18.77 10.57
N VAL B 275 -4.85 -19.79 10.72
CA VAL B 275 -4.35 -21.11 11.10
C VAL B 275 -3.47 -21.72 10.03
N LYS B 276 -3.53 -21.16 8.82
CA LYS B 276 -2.60 -21.59 7.78
C LYS B 276 -1.17 -21.19 8.15
N TYR B 277 -1.04 -20.14 8.96
CA TYR B 277 0.30 -19.57 9.25
C TYR B 277 0.73 -19.73 10.70
N VAL B 278 -0.20 -20.11 11.57
CA VAL B 278 0.05 -20.23 13.01
C VAL B 278 -0.66 -21.47 13.53
N PRO B 279 0.01 -22.28 14.37
CA PRO B 279 -0.70 -23.41 14.98
C PRO B 279 -1.91 -22.95 15.78
N LYS B 280 -2.98 -23.73 15.77
CA LYS B 280 -4.19 -23.37 16.50
C LYS B 280 -3.95 -23.10 17.99
N ASN B 281 -3.11 -23.91 18.63
CA ASN B 281 -2.81 -23.66 20.04
C ASN B 281 -1.81 -22.55 20.29
N GLU B 282 -1.49 -21.79 19.24
CA GLU B 282 -0.59 -20.64 19.40
C GLU B 282 -1.29 -19.36 18.95
N LEU B 283 -2.57 -19.49 18.64
CA LEU B 283 -3.34 -18.39 18.03
C LEU B 283 -4.54 -17.99 18.87
N ASP B 284 -4.72 -16.69 19.08
CA ASP B 284 -5.92 -16.17 19.72
C ASP B 284 -7.20 -16.69 19.04
N SER B 285 -8.18 -17.07 19.85
CA SER B 285 -9.42 -17.68 19.37
C SER B 285 -10.28 -16.72 18.55
N LEU B 286 -10.10 -15.44 18.79
CA LEU B 286 -10.75 -14.39 18.01
C LEU B 286 -10.45 -14.50 16.51
N TYR B 287 -9.30 -15.07 16.17
CA TYR B 287 -8.85 -15.18 14.78
C TYR B 287 -8.82 -16.62 14.30
N GLY B 288 -9.57 -17.49 14.96
CA GLY B 288 -9.67 -18.88 14.56
C GLY B 288 -8.79 -19.82 15.36
N GLY B 289 -8.12 -19.31 16.39
CA GLY B 289 -7.22 -20.13 17.18
C GLY B 289 -7.89 -20.82 18.35
N ASP B 290 -7.09 -21.52 19.16
CA ASP B 290 -7.57 -22.20 20.36
C ASP B 290 -7.32 -21.43 21.66
N LEU B 291 -6.58 -20.33 21.59
CA LEU B 291 -6.26 -19.56 22.78
C LEU B 291 -7.33 -18.56 23.13
N LYS B 292 -8.08 -18.83 24.20
CA LYS B 292 -9.04 -17.86 24.73
C LYS B 292 -8.27 -16.86 25.59
N PHE B 293 -7.91 -15.71 25.02
CA PHE B 293 -7.11 -14.72 25.71
C PHE B 293 -7.91 -13.49 26.11
N LYS B 294 -7.89 -13.15 27.39
CA LYS B 294 -8.41 -11.85 27.81
C LYS B 294 -7.28 -11.06 28.45
N TYR B 295 -7.11 -9.83 27.99
CA TYR B 295 -6.08 -8.97 28.51
C TYR B 295 -6.41 -8.49 29.93
N ASN B 296 -5.54 -8.83 30.87
CA ASN B 296 -5.68 -8.38 32.24
C ASN B 296 -4.34 -7.82 32.64
N HIS B 297 -4.28 -6.49 32.70
CA HIS B 297 -3.01 -5.78 32.83
C HIS B 297 -2.21 -6.19 34.05
N ASP B 298 -2.86 -6.33 35.21
CA ASP B 298 -2.15 -6.65 36.44
C ASP B 298 -1.62 -8.08 36.46
N VAL B 299 -2.06 -8.90 35.50
CA VAL B 299 -1.55 -10.25 35.36
C VAL B 299 -0.57 -10.35 34.20
N TYR B 300 -0.99 -9.86 33.03
CA TYR B 300 -0.18 -9.97 31.83
C TYR B 300 1.13 -9.17 31.91
N TRP B 301 1.06 -7.92 32.38
CA TRP B 301 2.21 -7.02 32.26
C TRP B 301 3.40 -7.46 33.13
N PRO B 302 3.17 -7.78 34.41
CA PRO B 302 4.30 -8.26 35.21
C PRO B 302 4.88 -9.56 34.67
N ALA B 303 4.05 -10.40 34.05
CA ALA B 303 4.54 -11.68 33.52
C ALA B 303 5.43 -11.44 32.30
N LEU B 304 4.98 -10.54 31.43
CA LEU B 304 5.77 -10.17 30.25
C LEU B 304 7.14 -9.63 30.66
N VAL B 305 7.11 -8.64 31.55
CA VAL B 305 8.32 -7.96 32.00
C VAL B 305 9.31 -8.95 32.61
N GLU B 306 8.81 -9.80 33.50
CA GLU B 306 9.67 -10.78 34.16
C GLU B 306 10.24 -11.81 33.19
N THR B 307 9.38 -12.33 32.32
CA THR B 307 9.81 -13.32 31.32
C THR B 307 10.92 -12.76 30.42
N ALA B 308 10.70 -11.55 29.91
CA ALA B 308 11.69 -10.91 29.05
C ALA B 308 12.99 -10.65 29.83
N ARG B 309 12.83 -10.23 31.09
CA ARG B 309 13.97 -9.95 31.94
C ARG B 309 14.84 -11.19 32.11
N GLU B 310 14.17 -12.31 32.35
CA GLU B 310 14.84 -13.58 32.60
C GLU B 310 15.62 -14.00 31.33
N LYS B 311 14.98 -13.81 30.18
CA LYS B 311 15.61 -14.06 28.88
C LYS B 311 16.84 -13.17 28.66
N ARG B 312 16.73 -11.88 28.98
CA ARG B 312 17.89 -10.99 28.91
C ARG B 312 19.04 -11.38 29.82
N ASP B 313 18.70 -11.77 31.05
CA ASP B 313 19.70 -12.16 32.03
C ASP B 313 20.51 -13.35 31.50
N HIS B 314 19.80 -14.33 30.94
CA HIS B 314 20.44 -15.53 30.41
C HIS B 314 21.37 -15.20 29.24
N TYR B 315 20.85 -14.39 28.32
CA TYR B 315 21.56 -13.97 27.11
C TYR B 315 22.86 -13.26 27.50
N PHE B 316 22.78 -12.37 28.46
CA PHE B 316 23.91 -11.55 28.85
C PHE B 316 24.91 -12.39 29.67
N LYS B 317 24.40 -13.27 30.52
CA LYS B 317 25.26 -14.19 31.25
C LYS B 317 26.04 -15.09 30.27
N ARG B 318 25.35 -15.60 29.24
CA ARG B 318 26.02 -16.39 28.21
C ARG B 318 27.09 -15.59 27.46
N PHE B 319 26.73 -14.35 27.11
CA PHE B 319 27.67 -13.43 26.47
C PHE B 319 28.95 -13.28 27.29
N GLN B 320 28.80 -13.01 28.58
CA GLN B 320 29.95 -12.87 29.46
C GLN B 320 30.76 -14.17 29.56
N SER B 321 30.06 -15.32 29.61
CA SER B 321 30.73 -16.61 29.75
C SER B 321 31.59 -16.96 28.54
N PHE B 322 31.24 -16.41 27.38
CA PHE B 322 32.00 -16.66 26.18
C PHE B 322 32.95 -15.49 25.82
N GLY B 323 33.41 -14.75 26.82
CA GLY B 323 34.44 -13.77 26.61
C GLY B 323 33.98 -12.34 26.38
N GLY B 324 32.67 -12.13 26.23
CA GLY B 324 32.16 -10.77 26.11
C GLY B 324 32.63 -10.07 24.87
N ILE B 325 32.75 -10.82 23.78
CA ILE B 325 33.25 -10.26 22.53
C ILE B 325 32.16 -10.02 21.48
N VAL B 326 32.42 -9.07 20.60
CA VAL B 326 31.57 -8.83 19.44
C VAL B 326 31.51 -10.06 18.54
N GLY B 327 30.36 -10.32 17.93
CA GLY B 327 30.27 -11.34 16.91
C GLY B 327 29.79 -12.72 17.38
N LEU B 328 29.37 -12.83 18.63
CA LEU B 328 28.86 -14.10 19.11
C LEU B 328 27.50 -14.34 18.46
N SER B 329 27.12 -15.60 18.32
CA SER B 329 25.83 -15.96 17.74
C SER B 329 24.70 -15.99 18.76
N GLU B 330 23.56 -15.45 18.37
CA GLU B 330 22.34 -15.47 19.16
C GLU B 330 21.88 -16.91 19.42
N VAL B 331 22.17 -17.81 18.50
CA VAL B 331 21.87 -19.24 18.73
C VAL B 331 22.60 -19.75 19.96
N ASP B 332 23.84 -19.32 20.13
CA ASP B 332 24.60 -19.66 21.33
C ASP B 332 24.14 -18.89 22.56
N LEU B 333 23.92 -17.58 22.40
CA LEU B 333 23.58 -16.74 23.54
C LEU B 333 22.22 -17.13 24.14
N ARG B 334 21.30 -17.53 23.27
CA ARG B 334 19.96 -17.89 23.72
C ARG B 334 19.78 -19.36 24.06
N GLY B 335 20.82 -20.18 23.85
CA GLY B 335 20.75 -21.60 24.16
C GLY B 335 21.39 -21.98 25.49
N THR B 336 21.52 -23.29 25.74
CA THR B 336 22.13 -23.80 26.97
C THR B 336 23.29 -24.77 26.71
N HIS B 337 23.50 -25.15 25.46
CA HIS B 337 24.60 -26.06 25.10
C HIS B 337 25.93 -25.50 25.59
N GLU B 338 26.84 -26.37 26.03
CA GLU B 338 28.06 -25.92 26.66
C GLU B 338 29.10 -25.39 25.67
N LYS B 339 29.19 -26.02 24.50
CA LYS B 339 30.18 -25.65 23.50
C LYS B 339 29.53 -24.77 22.41
N LEU B 340 30.28 -23.78 21.92
CA LEU B 340 29.76 -22.83 20.92
C LEU B 340 29.53 -23.46 19.57
N LEU B 341 28.35 -23.19 19.00
CA LEU B 341 28.04 -23.63 17.64
C LEU B 341 28.71 -22.71 16.62
N TYR B 342 28.95 -21.47 17.02
CA TYR B 342 29.50 -20.47 16.11
C TYR B 342 30.65 -19.72 16.77
N PRO B 343 31.80 -20.39 16.94
CA PRO B 343 32.95 -19.72 17.53
C PRO B 343 33.39 -18.57 16.63
N VAL B 344 33.90 -17.51 17.24
CA VAL B 344 34.20 -16.28 16.51
C VAL B 344 35.61 -16.36 15.92
N LYS B 345 35.72 -15.99 14.64
CA LYS B 345 37.02 -15.97 13.95
C LYS B 345 37.97 -14.97 14.59
N SER B 346 39.16 -15.44 14.95
CA SER B 346 40.12 -14.64 15.69
C SER B 346 41.54 -15.18 15.48
#